data_5AC5
#
_entry.id   5AC5
#
_cell.length_a   87.740
_cell.length_b   98.090
_cell.length_c   132.870
_cell.angle_alpha   90.00
_cell.angle_beta   90.00
_cell.angle_gamma   90.00
#
_symmetry.space_group_name_H-M   'P 21 21 21'
#
loop_
_entity.id
_entity.type
_entity.pdbx_description
1 polymer N-ACETYL-BETA-D-GLUCOSAMINIDASE
2 non-polymer 2-acetamido-2-deoxy-beta-D-glucopyranose
3 non-polymer GLYCEROL
4 non-polymer 1,2-ETHANEDIOL
5 water water
#
_entity_poly.entity_id   1
_entity_poly.type   'polypeptide(L)'
_entity_poly.pdbx_seq_one_letter_code
;MGSSHHHHHHSSGLVPRGSHMASMVRFTGLSLKQTQAIEVLKGHISLPDVEVAVTQSDQASISIEGEEGHYQLTYRKPHQ
LYRALSLLVTVLAEADKVEIEEQAAYEDLAYMVDCSRNAVLNVASAKQMIEILALMGYSTFELYMEDTYQIEGQPYFGYF
RGAYSAEELQEIEAYAQQFDVTFVPCIQTLAHLSAFVKWGVKEVQELRDVEDILLIGEEKVYDLIDGMFATLSKLKTRKV
NIGMDEAHLVGLGRYLILNGVVDRSLLMCQHLERVLDIADKYGFHCQMWSDMFFKLMSADGQYDRDVEIPEETRVYLDRL
KDRVTLVYWDYYQDSEEKYNRNFRNHHKISHDLAFAGGAWKWIGFTPHNHFSRLVAIEANKACRANQIKEVIVTGWGDNG
GETAQFSILPSLQIWAELSYRNDLDGLSAHFKTNTGLTVEDFMQIDLANLLPDLPGNLSGINPNRYVFYQDILCPILDQH
MTPEQDKPHFAQAAETLANIKEKAGNYAYLFETQAQLNAILSSKVDVGRRIRQAYQADDKESLQQIARQELPELRSQIED
FHALFSHQWLKENKVFGLDTVDIRMGGLLQRIKRAESRIEVYLAGQLDRIDELEVEILPFTDFYADKDFAATTANQWHTI
ATASTIYTT
;
_entity_poly.pdbx_strand_id   A,B
#
# COMPACT_ATOMS: atom_id res chain seq x y z
N VAL A 25 52.13 -17.83 -10.07
CA VAL A 25 52.07 -19.21 -9.51
C VAL A 25 52.22 -20.27 -10.61
N ARG A 26 52.77 -21.43 -10.24
CA ARG A 26 52.77 -22.59 -11.13
C ARG A 26 52.00 -23.74 -10.48
N PHE A 27 50.90 -24.13 -11.12
CA PHE A 27 50.04 -25.20 -10.61
C PHE A 27 50.25 -26.46 -11.42
N THR A 28 50.25 -27.59 -10.73
CA THR A 28 50.12 -28.89 -11.38
C THR A 28 48.87 -29.59 -10.86
N GLY A 29 48.26 -30.42 -11.71
CA GLY A 29 47.10 -31.20 -11.32
C GLY A 29 45.75 -30.57 -11.72
N LEU A 30 45.81 -29.35 -12.25
CA LEU A 30 44.59 -28.62 -12.61
C LEU A 30 44.01 -29.04 -13.96
N SER A 31 42.68 -29.07 -14.02
CA SER A 31 41.97 -29.23 -15.28
C SER A 31 41.86 -27.88 -15.98
N LEU A 32 41.47 -27.87 -17.25
CA LEU A 32 41.31 -26.61 -17.97
C LEU A 32 40.24 -25.77 -17.27
N LYS A 33 39.15 -26.44 -16.89
CA LYS A 33 38.05 -25.81 -16.17
C LYS A 33 38.58 -25.06 -14.95
N GLN A 34 39.45 -25.72 -14.19
CA GLN A 34 40.00 -25.12 -13.00
C GLN A 34 40.95 -23.96 -13.30
N THR A 35 41.81 -24.10 -14.32
CA THR A 35 42.70 -22.99 -14.67
C THR A 35 41.90 -21.77 -15.14
N GLN A 36 40.77 -22.02 -15.81
CA GLN A 36 39.94 -20.91 -16.29
C GLN A 36 39.26 -20.19 -15.11
N ALA A 37 38.75 -20.98 -14.17
CA ALA A 37 38.13 -20.47 -12.94
C ALA A 37 39.13 -19.60 -12.18
N ILE A 38 40.37 -20.04 -12.11
CA ILE A 38 41.40 -19.29 -11.40
C ILE A 38 41.71 -17.98 -12.14
N GLU A 39 41.72 -18.03 -13.47
CA GLU A 39 41.91 -16.82 -14.26
C GLU A 39 40.89 -15.76 -13.88
N VAL A 40 39.63 -16.18 -13.76
CA VAL A 40 38.55 -15.27 -13.36
C VAL A 40 38.81 -14.72 -11.96
N LEU A 41 39.21 -15.58 -11.04
CA LEU A 41 39.37 -15.15 -9.67
C LEU A 41 40.56 -14.21 -9.44
N LYS A 42 41.47 -14.14 -10.42
CA LYS A 42 42.59 -13.19 -10.35
C LYS A 42 42.11 -11.75 -10.35
N GLY A 43 40.85 -11.55 -10.75
CA GLY A 43 40.22 -10.24 -10.64
C GLY A 43 39.89 -9.86 -9.21
N HIS A 44 39.97 -10.83 -8.30
CA HIS A 44 39.70 -10.59 -6.88
C HIS A 44 40.97 -10.74 -6.03
N ILE A 45 41.84 -11.67 -6.42
CA ILE A 45 42.99 -12.01 -5.58
C ILE A 45 44.27 -12.13 -6.41
N SER A 46 45.41 -11.87 -5.77
CA SER A 46 46.71 -12.01 -6.41
C SER A 46 47.39 -13.27 -5.89
N LEU A 47 47.64 -14.23 -6.78
CA LEU A 47 48.32 -15.47 -6.45
C LEU A 47 49.84 -15.23 -6.40
N PRO A 48 50.50 -15.68 -5.33
CA PRO A 48 51.95 -15.50 -5.29
C PRO A 48 52.64 -16.43 -6.28
N ASP A 49 53.86 -16.08 -6.70
CA ASP A 49 54.63 -16.96 -7.57
C ASP A 49 55.24 -18.09 -6.74
N VAL A 50 54.48 -19.16 -6.56
CA VAL A 50 54.93 -20.36 -5.87
C VAL A 50 54.47 -21.58 -6.70
N GLU A 51 54.91 -22.76 -6.32
CA GLU A 51 54.47 -23.99 -6.99
C GLU A 51 53.47 -24.74 -6.13
N VAL A 52 52.32 -25.07 -6.71
CA VAL A 52 51.28 -25.77 -5.97
C VAL A 52 50.82 -27.02 -6.72
N ALA A 53 50.97 -28.17 -6.07
CA ALA A 53 50.40 -29.41 -6.61
C ALA A 53 48.99 -29.61 -6.06
N VAL A 54 48.02 -29.69 -6.98
CA VAL A 54 46.61 -29.75 -6.61
C VAL A 54 46.03 -31.10 -7.00
N THR A 55 45.38 -31.76 -6.04
CA THR A 55 44.60 -32.97 -6.30
C THR A 55 43.34 -33.03 -5.44
N GLN A 56 42.35 -33.78 -5.93
CA GLN A 56 41.20 -34.15 -5.13
C GLN A 56 41.64 -35.18 -4.08
N SER A 57 41.13 -35.06 -2.86
CA SER A 57 41.33 -36.10 -1.85
C SER A 57 40.21 -36.03 -0.84
N ASP A 58 39.74 -37.21 -0.44
CA ASP A 58 38.69 -37.30 0.52
C ASP A 58 39.16 -37.01 1.94
N GLN A 59 40.45 -36.75 2.13
CA GLN A 59 40.99 -36.68 3.49
C GLN A 59 40.46 -35.48 4.28
N ALA A 60 40.27 -34.36 3.58
CA ALA A 60 39.82 -33.11 4.21
C ALA A 60 39.00 -32.29 3.23
N SER A 61 38.22 -31.35 3.76
CA SER A 61 37.52 -30.41 2.87
C SER A 61 38.60 -29.64 2.13
N ILE A 62 39.58 -29.18 2.89
CA ILE A 62 40.72 -28.43 2.38
C ILE A 62 41.97 -28.83 3.17
N SER A 63 43.04 -29.09 2.44
CA SER A 63 44.37 -29.27 3.04
C SER A 63 45.41 -28.50 2.23
N ILE A 64 46.28 -27.78 2.94
CA ILE A 64 47.42 -27.10 2.32
C ILE A 64 48.65 -27.31 3.20
N GLU A 65 49.69 -27.86 2.59
CA GLU A 65 50.94 -28.14 3.29
C GLU A 65 52.12 -27.79 2.41
N GLY A 66 53.24 -27.49 3.05
CA GLY A 66 54.46 -27.18 2.32
C GLY A 66 55.21 -25.99 2.89
N GLU A 67 56.26 -25.59 2.18
CA GLU A 67 57.16 -24.52 2.60
C GLU A 67 58.15 -24.23 1.49
N GLU A 68 58.84 -23.10 1.58
CA GLU A 68 59.91 -22.78 0.65
C GLU A 68 59.40 -22.76 -0.80
N GLY A 69 58.19 -22.24 -0.98
CA GLY A 69 57.62 -22.09 -2.32
C GLY A 69 57.14 -23.36 -3.01
N HIS A 70 57.05 -24.46 -2.25
CA HIS A 70 56.53 -25.72 -2.80
C HIS A 70 55.38 -26.25 -1.95
N TYR A 71 54.19 -26.32 -2.53
CA TYR A 71 52.99 -26.61 -1.75
C TYR A 71 52.10 -27.71 -2.33
N GLN A 72 51.48 -28.47 -1.44
CA GLN A 72 50.49 -29.48 -1.83
C GLN A 72 49.12 -29.06 -1.34
N LEU A 73 48.19 -28.94 -2.27
CA LEU A 73 46.82 -28.51 -1.94
C LEU A 73 45.83 -29.58 -2.38
N THR A 74 44.97 -30.00 -1.44
CA THR A 74 43.89 -30.94 -1.74
C THR A 74 42.53 -30.38 -1.34
N TYR A 75 41.51 -30.81 -2.07
CA TYR A 75 40.12 -30.45 -1.76
C TYR A 75 39.30 -31.72 -1.79
N ARG A 76 38.23 -31.76 -1.00
CA ARG A 76 37.30 -32.88 -1.10
C ARG A 76 36.35 -32.70 -2.27
N LYS A 77 35.68 -31.55 -2.32
CA LYS A 77 34.75 -31.24 -3.40
C LYS A 77 35.34 -30.15 -4.28
N PRO A 78 35.17 -30.26 -5.62
CA PRO A 78 35.78 -29.35 -6.60
C PRO A 78 35.64 -27.86 -6.28
N HIS A 79 34.46 -27.42 -5.85
CA HIS A 79 34.27 -25.99 -5.54
C HIS A 79 35.22 -25.51 -4.44
N GLN A 80 35.66 -26.43 -3.57
CA GLN A 80 36.47 -26.05 -2.42
C GLN A 80 37.91 -25.68 -2.76
N LEU A 81 38.30 -25.91 -4.02
CA LEU A 81 39.56 -25.38 -4.56
C LEU A 81 39.63 -23.87 -4.40
N TYR A 82 38.48 -23.20 -4.57
CA TYR A 82 38.51 -21.75 -4.60
C TYR A 82 38.64 -21.11 -3.22
N ARG A 83 38.02 -21.69 -2.21
CA ARG A 83 38.32 -21.28 -0.84
C ARG A 83 39.76 -21.66 -0.50
N ALA A 84 40.21 -22.83 -0.95
CA ALA A 84 41.61 -23.24 -0.69
C ALA A 84 42.59 -22.19 -1.21
N LEU A 85 42.31 -21.63 -2.39
CA LEU A 85 43.18 -20.60 -2.95
C LEU A 85 43.13 -19.28 -2.16
N SER A 86 41.93 -18.94 -1.68
CA SER A 86 41.79 -17.78 -0.81
C SER A 86 42.64 -17.95 0.46
N LEU A 87 42.56 -19.12 1.08
CA LEU A 87 43.38 -19.42 2.26
C LEU A 87 44.88 -19.38 1.94
N LEU A 88 45.25 -19.96 0.80
CA LEU A 88 46.64 -19.94 0.34
C LEU A 88 47.20 -18.53 0.26
N VAL A 89 46.52 -17.67 -0.48
CA VAL A 89 46.92 -16.28 -0.67
C VAL A 89 47.07 -15.61 0.68
N THR A 90 46.12 -15.85 1.58
CA THR A 90 46.12 -15.25 2.90
C THR A 90 47.31 -15.69 3.75
N VAL A 91 47.52 -16.99 3.83
CA VAL A 91 48.53 -17.55 4.72
C VAL A 91 49.95 -17.22 4.23
N LEU A 92 50.14 -17.14 2.92
CA LEU A 92 51.46 -16.93 2.34
C LEU A 92 51.97 -15.49 2.49
N ALA A 93 51.04 -14.54 2.64
CA ALA A 93 51.40 -13.16 2.92
C ALA A 93 52.22 -13.04 4.21
N GLU A 94 51.92 -13.90 5.19
CA GLU A 94 52.66 -13.90 6.44
C GLU A 94 53.82 -14.88 6.40
N ALA A 95 53.49 -16.17 6.25
CA ALA A 95 54.45 -17.23 6.53
C ALA A 95 54.96 -17.94 5.28
N ASP A 96 55.98 -18.77 5.48
CA ASP A 96 56.51 -19.61 4.42
C ASP A 96 55.98 -21.04 4.58
N LYS A 97 55.96 -21.53 5.82
CA LYS A 97 55.46 -22.88 6.09
C LYS A 97 53.95 -22.86 6.36
N VAL A 98 53.24 -23.77 5.71
CA VAL A 98 51.77 -23.83 5.80
C VAL A 98 51.30 -25.17 6.38
N GLU A 99 50.31 -25.11 7.27
CA GLU A 99 49.74 -26.31 7.87
C GLU A 99 48.24 -26.12 8.07
N ILE A 100 47.49 -26.26 6.99
CA ILE A 100 46.07 -25.99 7.02
C ILE A 100 45.30 -27.27 6.74
N GLU A 101 44.33 -27.55 7.61
CA GLU A 101 43.34 -28.60 7.35
C GLU A 101 41.97 -28.14 7.83
N GLU A 102 40.98 -28.13 6.93
CA GLU A 102 39.61 -27.80 7.32
C GLU A 102 38.66 -28.95 7.00
N GLN A 103 37.72 -29.17 7.89
CA GLN A 103 36.61 -30.11 7.66
C GLN A 103 35.32 -29.36 7.87
N ALA A 104 34.60 -29.13 6.77
CA ALA A 104 33.36 -28.37 6.83
C ALA A 104 32.29 -29.14 7.58
N ALA A 105 31.53 -28.43 8.42
CA ALA A 105 30.48 -29.06 9.18
C ALA A 105 29.27 -29.35 8.32
N TYR A 106 29.07 -28.58 7.25
CA TYR A 106 27.86 -28.72 6.43
C TYR A 106 28.17 -29.30 5.07
N GLU A 107 27.36 -30.28 4.66
CA GLU A 107 27.45 -30.88 3.33
C GLU A 107 27.21 -29.80 2.28
N ASP A 108 26.32 -28.86 2.58
CA ASP A 108 26.10 -27.73 1.67
C ASP A 108 25.89 -26.44 2.43
N LEU A 109 26.51 -25.38 1.92
CA LEU A 109 26.29 -24.06 2.45
C LEU A 109 25.90 -23.15 1.28
N ALA A 110 24.73 -22.53 1.41
CA ALA A 110 24.12 -21.76 0.33
C ALA A 110 23.91 -20.32 0.73
N TYR A 111 23.94 -19.44 -0.26
CA TYR A 111 23.43 -18.08 -0.09
C TYR A 111 22.26 -17.86 -1.03
N MET A 112 21.13 -17.40 -0.47
CA MET A 112 19.91 -17.11 -1.22
C MET A 112 19.68 -15.58 -1.32
N VAL A 113 19.75 -15.07 -2.55
CA VAL A 113 19.44 -13.67 -2.83
C VAL A 113 17.94 -13.50 -3.09
N ASP A 114 17.33 -12.54 -2.39
CA ASP A 114 15.94 -12.17 -2.64
C ASP A 114 15.86 -11.39 -3.95
N CYS A 115 15.10 -11.91 -4.92
CA CYS A 115 14.92 -11.20 -6.17
C CYS A 115 13.45 -10.90 -6.42
N SER A 116 12.70 -10.81 -5.33
CA SER A 116 11.23 -10.69 -5.42
C SER A 116 10.69 -9.44 -4.75
N ARG A 117 11.56 -8.74 -4.04
CA ARG A 117 11.14 -7.56 -3.29
C ARG A 117 11.42 -6.25 -4.03
N ASN A 118 11.55 -6.37 -5.35
CA ASN A 118 11.72 -5.28 -6.33
C ASN A 118 13.12 -5.27 -6.93
N ALA A 119 14.09 -5.77 -6.18
CA ALA A 119 15.50 -5.78 -6.62
C ALA A 119 15.81 -7.12 -7.23
N VAL A 120 15.90 -7.16 -8.55
CA VAL A 120 16.30 -8.38 -9.24
C VAL A 120 17.81 -8.29 -9.56
N LEU A 121 18.61 -9.17 -8.98
CA LEU A 121 20.06 -9.09 -9.14
C LEU A 121 20.37 -9.22 -10.64
N ASN A 122 21.09 -8.27 -11.20
CA ASN A 122 21.41 -8.37 -12.61
C ASN A 122 22.44 -9.46 -12.89
N VAL A 123 22.50 -9.89 -14.15
CA VAL A 123 23.36 -11.02 -14.52
C VAL A 123 24.83 -10.77 -14.17
N ALA A 124 25.30 -9.56 -14.42
CA ALA A 124 26.70 -9.22 -14.19
C ALA A 124 26.97 -9.33 -12.69
N SER A 125 26.01 -8.92 -11.87
CA SER A 125 26.20 -8.95 -10.41
C SER A 125 26.07 -10.36 -9.82
N ALA A 126 25.22 -11.18 -10.45
CA ALA A 126 25.14 -12.59 -10.07
C ALA A 126 26.51 -13.25 -10.31
N LYS A 127 27.15 -12.94 -11.43
CA LYS A 127 28.51 -13.44 -11.71
C LYS A 127 29.52 -12.99 -10.64
N GLN A 128 29.48 -11.71 -10.27
CA GLN A 128 30.37 -11.23 -9.22
C GLN A 128 30.08 -11.94 -7.91
N MET A 129 28.79 -12.09 -7.58
CA MET A 129 28.40 -12.76 -6.33
C MET A 129 28.88 -14.22 -6.33
N ILE A 130 28.69 -14.91 -7.45
CA ILE A 130 29.18 -16.28 -7.59
C ILE A 130 30.68 -16.38 -7.33
N GLU A 131 31.46 -15.49 -7.94
CA GLU A 131 32.92 -15.52 -7.75
C GLU A 131 33.27 -15.39 -6.28
N ILE A 132 32.60 -14.46 -5.61
CA ILE A 132 32.84 -14.24 -4.18
C ILE A 132 32.43 -15.44 -3.34
N LEU A 133 31.26 -16.01 -3.62
CA LEU A 133 30.80 -17.17 -2.84
C LEU A 133 31.78 -18.34 -3.01
N ALA A 134 32.35 -18.45 -4.20
CA ALA A 134 33.33 -19.51 -4.50
C ALA A 134 34.56 -19.37 -3.62
N LEU A 135 35.09 -18.15 -3.54
CA LEU A 135 36.26 -17.84 -2.72
C LEU A 135 35.95 -18.06 -1.25
N MET A 136 34.71 -17.86 -0.85
CA MET A 136 34.35 -18.04 0.54
C MET A 136 34.16 -19.50 0.92
N GLY A 137 33.72 -20.33 -0.02
CA GLY A 137 33.55 -21.75 0.28
C GLY A 137 32.11 -22.25 0.20
N TYR A 138 31.20 -21.40 -0.29
CA TYR A 138 29.80 -21.80 -0.51
C TYR A 138 29.74 -22.83 -1.63
N SER A 139 28.89 -23.84 -1.47
CA SER A 139 28.66 -24.84 -2.52
C SER A 139 27.53 -24.46 -3.46
N THR A 140 26.67 -23.53 -3.01
CA THR A 140 25.36 -23.38 -3.63
C THR A 140 24.92 -21.93 -3.66
N PHE A 141 24.42 -21.51 -4.83
CA PHE A 141 23.86 -20.18 -5.03
C PHE A 141 22.36 -20.27 -5.31
N GLU A 142 21.57 -19.43 -4.65
CA GLU A 142 20.11 -19.51 -4.77
C GLU A 142 19.53 -18.14 -5.05
N LEU A 143 18.51 -18.11 -5.90
CA LEU A 143 17.72 -16.90 -6.15
C LEU A 143 16.27 -17.13 -5.73
N TYR A 144 15.76 -16.24 -4.89
CA TYR A 144 14.36 -16.31 -4.44
C TYR A 144 13.47 -15.50 -5.36
N MET A 145 12.59 -16.19 -6.08
CA MET A 145 11.80 -15.61 -7.15
C MET A 145 10.35 -16.04 -7.00
N GLU A 146 9.50 -15.13 -6.52
CA GLU A 146 8.09 -15.44 -6.36
C GLU A 146 7.43 -15.43 -7.73
N ASP A 147 7.56 -14.31 -8.43
CA ASP A 147 6.98 -14.17 -9.76
C ASP A 147 8.03 -13.73 -10.77
N THR A 148 9.29 -13.71 -10.35
CA THR A 148 10.38 -13.09 -11.13
C THR A 148 11.20 -14.06 -11.98
N TYR A 149 10.49 -15.04 -12.56
CA TYR A 149 11.02 -15.84 -13.64
C TYR A 149 9.88 -16.03 -14.63
N GLN A 150 10.23 -16.04 -15.91
CA GLN A 150 9.24 -16.08 -16.97
C GLN A 150 8.70 -17.48 -17.18
N ILE A 151 7.37 -17.59 -17.27
CA ILE A 151 6.69 -18.86 -17.56
C ILE A 151 5.93 -18.70 -18.88
N GLU A 152 6.22 -19.59 -19.82
CA GLU A 152 5.57 -19.57 -21.12
C GLU A 152 4.06 -19.72 -20.98
N GLY A 153 3.30 -18.84 -21.63
CA GLY A 153 1.84 -18.86 -21.49
C GLY A 153 1.24 -18.20 -20.24
N GLN A 154 2.10 -17.58 -19.44
CA GLN A 154 1.64 -16.83 -18.27
C GLN A 154 2.15 -15.39 -18.37
N PRO A 155 1.57 -14.58 -19.28
CA PRO A 155 2.27 -13.31 -19.59
C PRO A 155 2.25 -12.31 -18.42
N TYR A 156 1.31 -12.46 -17.47
CA TYR A 156 1.26 -11.56 -16.30
C TYR A 156 2.20 -11.95 -15.16
N PHE A 157 2.78 -13.14 -15.25
CA PHE A 157 3.68 -13.62 -14.22
C PHE A 157 5.04 -12.95 -14.37
N GLY A 158 5.34 -11.99 -13.49
CA GLY A 158 6.59 -11.26 -13.55
C GLY A 158 6.56 -10.08 -14.50
N TYR A 159 5.37 -9.69 -14.91
CA TYR A 159 5.17 -8.61 -15.90
C TYR A 159 5.68 -7.27 -15.37
N PHE A 160 6.59 -6.62 -16.12
CA PHE A 160 7.24 -5.36 -15.70
C PHE A 160 8.02 -5.50 -14.38
N ARG A 161 8.33 -6.73 -14.00
CA ARG A 161 9.15 -6.96 -12.78
C ARG A 161 10.62 -7.26 -13.08
N GLY A 162 10.98 -7.34 -14.35
CA GLY A 162 12.33 -7.83 -14.69
C GLY A 162 12.50 -9.31 -14.42
N ALA A 163 11.43 -10.10 -14.60
CA ALA A 163 11.52 -11.57 -14.40
C ALA A 163 12.66 -12.14 -15.25
N TYR A 164 13.44 -13.06 -14.71
CA TYR A 164 14.52 -13.64 -15.51
C TYR A 164 13.91 -14.47 -16.63
N SER A 165 14.51 -14.37 -17.81
CA SER A 165 14.17 -15.31 -18.89
C SER A 165 14.80 -16.67 -18.58
N ALA A 166 14.33 -17.72 -19.26
CA ALA A 166 14.95 -19.04 -19.11
C ALA A 166 16.45 -18.91 -19.45
N GLU A 167 16.75 -18.10 -20.46
CA GLU A 167 18.11 -17.91 -20.94
C GLU A 167 19.01 -17.27 -19.87
N GLU A 168 18.50 -16.23 -19.23
CA GLU A 168 19.23 -15.61 -18.12
C GLU A 168 19.50 -16.60 -16.99
N LEU A 169 18.48 -17.36 -16.59
CA LEU A 169 18.67 -18.31 -15.51
C LEU A 169 19.69 -19.36 -15.91
N GLN A 170 19.64 -19.79 -17.16
CA GLN A 170 20.61 -20.76 -17.65
C GLN A 170 22.04 -20.20 -17.62
N GLU A 171 22.21 -18.94 -18.04
CA GLU A 171 23.50 -18.25 -18.03
C GLU A 171 24.08 -18.13 -16.62
N ILE A 172 23.24 -17.69 -15.69
CA ILE A 172 23.64 -17.64 -14.27
C ILE A 172 24.05 -19.02 -13.72
N GLU A 173 23.24 -20.03 -13.99
CA GLU A 173 23.54 -21.36 -13.48
C GLU A 173 24.84 -21.89 -14.08
N ALA A 174 25.01 -21.67 -15.38
CA ALA A 174 26.18 -22.16 -16.10
C ALA A 174 27.43 -21.42 -15.63
N TYR A 175 27.30 -20.16 -15.27
CA TYR A 175 28.41 -19.45 -14.66
C TYR A 175 28.78 -20.04 -13.28
N ALA A 176 27.78 -20.38 -12.48
CA ALA A 176 28.05 -21.04 -11.20
C ALA A 176 28.74 -22.38 -11.42
N GLN A 177 28.32 -23.09 -12.46
CA GLN A 177 28.92 -24.36 -12.80
C GLN A 177 30.41 -24.23 -13.12
N GLN A 178 30.82 -23.08 -13.65
CA GLN A 178 32.25 -22.86 -13.94
C GLN A 178 33.10 -23.05 -12.70
N PHE A 179 32.49 -22.81 -11.54
CA PHE A 179 33.18 -22.90 -10.24
C PHE A 179 32.72 -24.11 -9.45
N ASP A 180 32.00 -25.02 -10.11
CA ASP A 180 31.42 -26.18 -9.43
C ASP A 180 30.45 -25.83 -8.31
N VAL A 181 29.80 -24.69 -8.47
CA VAL A 181 28.81 -24.21 -7.53
C VAL A 181 27.44 -24.61 -8.11
N THR A 182 26.60 -25.21 -7.26
CA THR A 182 25.25 -25.64 -7.60
C THR A 182 24.27 -24.45 -7.57
N PHE A 183 23.33 -24.45 -8.50
CA PHE A 183 22.26 -23.44 -8.49
C PHE A 183 20.97 -24.06 -7.94
N VAL A 184 20.33 -23.36 -7.01
CA VAL A 184 19.03 -23.81 -6.49
C VAL A 184 18.00 -22.69 -6.54
N PRO A 185 16.98 -22.83 -7.41
CA PRO A 185 15.94 -21.79 -7.39
C PRO A 185 15.02 -21.95 -6.16
N CYS A 186 14.65 -20.81 -5.56
CA CYS A 186 13.66 -20.78 -4.48
C CYS A 186 12.46 -20.09 -5.04
N ILE A 187 11.35 -20.82 -5.13
CA ILE A 187 10.15 -20.29 -5.73
C ILE A 187 8.98 -20.33 -4.75
N GLN A 188 7.80 -19.94 -5.23
CA GLN A 188 6.62 -20.03 -4.38
C GLN A 188 5.52 -20.82 -5.05
N THR A 189 5.01 -21.85 -4.37
CA THR A 189 3.96 -22.68 -4.92
C THR A 189 2.69 -22.61 -4.07
N LEU A 190 2.63 -21.66 -3.15
CA LEU A 190 1.42 -21.47 -2.35
C LEU A 190 1.07 -20.00 -2.14
N ALA A 191 1.85 -19.31 -1.30
CA ALA A 191 1.58 -17.91 -0.95
C ALA A 191 2.76 -17.05 -1.40
N HIS A 192 2.83 -15.81 -0.94
CA HIS A 192 3.89 -14.87 -1.36
C HIS A 192 3.91 -14.70 -2.88
N LEU A 193 2.73 -14.54 -3.47
CA LEU A 193 2.63 -14.27 -4.91
C LEU A 193 1.87 -12.97 -5.21
N SER A 194 1.99 -12.01 -4.30
CA SER A 194 1.16 -10.80 -4.36
C SER A 194 1.35 -10.03 -5.67
N ALA A 195 2.55 -10.06 -6.22
CA ALA A 195 2.87 -9.20 -7.37
C ALA A 195 2.29 -9.80 -8.64
N PHE A 196 1.99 -11.09 -8.59
CA PHE A 196 1.28 -11.77 -9.67
C PHE A 196 -0.26 -11.72 -9.52
N VAL A 197 -0.78 -12.08 -8.35
CA VAL A 197 -2.24 -12.20 -8.18
C VAL A 197 -2.96 -10.86 -8.18
N LYS A 198 -2.22 -9.76 -8.13
CA LYS A 198 -2.87 -8.45 -8.25
C LYS A 198 -3.50 -8.19 -9.62
N TRP A 199 -3.06 -8.89 -10.67
CA TRP A 199 -3.49 -8.57 -12.04
C TRP A 199 -4.95 -8.93 -12.29
N GLY A 200 -5.77 -7.92 -12.63
CA GLY A 200 -7.22 -8.05 -12.69
C GLY A 200 -7.66 -8.62 -14.01
N VAL A 201 -7.19 -9.83 -14.29
CA VAL A 201 -7.65 -10.59 -15.44
C VAL A 201 -8.13 -11.97 -14.99
N LYS A 202 -9.10 -12.51 -15.72
CA LYS A 202 -9.75 -13.78 -15.35
C LYS A 202 -8.74 -14.91 -15.08
N GLU A 203 -7.74 -15.02 -15.95
CA GLU A 203 -6.77 -16.13 -15.87
C GLU A 203 -5.88 -16.06 -14.64
N VAL A 204 -5.78 -14.88 -14.04
CA VAL A 204 -5.07 -14.70 -12.76
C VAL A 204 -6.00 -14.76 -11.55
N GLN A 205 -7.09 -14.01 -11.59
CA GLN A 205 -8.05 -13.99 -10.48
C GLN A 205 -8.63 -15.36 -10.15
N GLU A 206 -8.80 -16.21 -11.17
CA GLU A 206 -9.33 -17.56 -10.95
C GLU A 206 -8.41 -18.47 -10.16
N LEU A 207 -7.17 -18.01 -9.92
CA LEU A 207 -6.14 -18.79 -9.22
C LEU A 207 -6.07 -18.50 -7.72
N ARG A 208 -6.92 -17.60 -7.24
CA ARG A 208 -6.74 -17.07 -5.88
C ARG A 208 -7.66 -17.68 -4.82
N ASP A 209 -7.10 -17.89 -3.65
CA ASP A 209 -7.85 -18.16 -2.44
C ASP A 209 -8.19 -16.83 -1.79
N VAL A 210 -7.16 -16.13 -1.34
CA VAL A 210 -7.32 -14.91 -0.54
C VAL A 210 -5.92 -14.30 -0.40
N GLU A 211 -5.84 -12.98 -0.22
CA GLU A 211 -4.54 -12.32 -0.06
C GLU A 211 -3.57 -12.73 -1.15
N ASP A 212 -2.41 -13.24 -0.73
CA ASP A 212 -1.33 -13.60 -1.67
C ASP A 212 -1.28 -15.11 -1.91
N ILE A 213 -2.39 -15.81 -1.64
CA ILE A 213 -2.40 -17.28 -1.60
C ILE A 213 -3.15 -17.86 -2.82
N LEU A 214 -2.54 -18.85 -3.46
CA LEU A 214 -3.20 -19.60 -4.54
C LEU A 214 -4.29 -20.51 -4.00
N LEU A 215 -5.27 -20.83 -4.85
CA LEU A 215 -6.42 -21.66 -4.47
C LEU A 215 -6.10 -23.15 -4.49
N ILE A 216 -5.88 -23.75 -3.33
CA ILE A 216 -5.63 -25.17 -3.28
C ILE A 216 -6.79 -25.95 -3.87
N GLY A 217 -6.47 -26.96 -4.67
CA GLY A 217 -7.49 -27.85 -5.20
C GLY A 217 -7.93 -27.48 -6.60
N GLU A 218 -7.62 -26.25 -7.02
CA GLU A 218 -8.06 -25.77 -8.33
C GLU A 218 -7.14 -26.23 -9.46
N GLU A 219 -7.71 -26.88 -10.46
CA GLU A 219 -6.91 -27.39 -11.56
C GLU A 219 -6.03 -26.36 -12.24
N LYS A 220 -6.55 -25.14 -12.39
CA LYS A 220 -5.82 -24.08 -13.09
C LYS A 220 -4.59 -23.65 -12.28
N VAL A 221 -4.68 -23.81 -10.96
CA VAL A 221 -3.53 -23.53 -10.09
C VAL A 221 -2.44 -24.55 -10.34
N TYR A 222 -2.82 -25.82 -10.45
CA TYR A 222 -1.83 -26.85 -10.74
C TYR A 222 -1.30 -26.78 -12.15
N ASP A 223 -2.09 -26.22 -13.07
CA ASP A 223 -1.57 -25.89 -14.42
C ASP A 223 -0.47 -24.85 -14.31
N LEU A 224 -0.72 -23.82 -13.49
CA LEU A 224 0.28 -22.77 -13.27
C LEU A 224 1.53 -23.39 -12.68
N ILE A 225 1.36 -24.20 -11.63
CA ILE A 225 2.50 -24.83 -10.97
C ILE A 225 3.27 -25.79 -11.89
N ASP A 226 2.55 -26.49 -12.77
CA ASP A 226 3.22 -27.30 -13.79
C ASP A 226 4.10 -26.43 -14.71
N GLY A 227 3.58 -25.27 -15.10
CA GLY A 227 4.35 -24.25 -15.81
C GLY A 227 5.61 -23.80 -15.07
N MET A 228 5.49 -23.55 -13.77
CA MET A 228 6.68 -23.20 -12.96
C MET A 228 7.78 -24.24 -13.13
N PHE A 229 7.43 -25.50 -12.91
CA PHE A 229 8.40 -26.57 -13.03
C PHE A 229 8.87 -26.81 -14.45
N ALA A 230 8.01 -26.58 -15.43
CA ALA A 230 8.43 -26.64 -16.84
C ALA A 230 9.53 -25.63 -17.12
N THR A 231 9.40 -24.42 -16.57
CA THR A 231 10.43 -23.41 -16.71
C THR A 231 11.72 -23.84 -16.01
N LEU A 232 11.62 -24.31 -14.77
CA LEU A 232 12.81 -24.70 -14.01
C LEU A 232 13.51 -25.92 -14.59
N SER A 233 12.74 -26.75 -15.32
CA SER A 233 13.31 -27.97 -15.91
C SER A 233 14.22 -27.63 -17.07
N LYS A 234 14.17 -26.39 -17.52
CA LYS A 234 15.12 -25.92 -18.54
C LYS A 234 16.54 -25.76 -17.98
N LEU A 235 16.64 -25.75 -16.65
CA LEU A 235 17.95 -25.72 -15.98
C LEU A 235 18.53 -27.12 -15.86
N LYS A 236 19.81 -27.20 -15.49
CA LYS A 236 20.44 -28.48 -15.21
C LYS A 236 20.08 -28.95 -13.80
N THR A 237 20.02 -28.00 -12.87
CA THR A 237 19.68 -28.36 -11.49
C THR A 237 18.34 -29.08 -11.39
N ARG A 238 18.29 -30.04 -10.47
CA ARG A 238 17.03 -30.71 -10.11
C ARG A 238 16.84 -30.66 -8.59
N LYS A 239 17.25 -29.53 -8.01
CA LYS A 239 16.97 -29.23 -6.60
C LYS A 239 16.28 -27.87 -6.55
N VAL A 240 15.19 -27.78 -5.79
CA VAL A 240 14.35 -26.58 -5.74
C VAL A 240 13.77 -26.37 -4.33
N ASN A 241 13.71 -25.12 -3.89
CA ASN A 241 12.91 -24.76 -2.72
C ASN A 241 11.55 -24.25 -3.22
N ILE A 242 10.48 -24.97 -2.87
CA ILE A 242 9.10 -24.72 -3.40
C ILE A 242 8.28 -23.73 -2.56
N GLY A 243 8.90 -23.21 -1.49
CA GLY A 243 8.26 -22.16 -0.70
C GLY A 243 7.33 -22.74 0.34
N MET A 244 6.11 -22.21 0.34
CA MET A 244 4.99 -22.59 1.22
C MET A 244 5.06 -22.04 2.63
N ASP A 245 5.88 -21.02 2.84
CA ASP A 245 5.83 -20.26 4.10
C ASP A 245 4.65 -19.30 4.14
N GLU A 246 4.21 -18.97 5.36
CA GLU A 246 3.45 -17.75 5.61
C GLU A 246 2.16 -17.61 4.77
N ALA A 247 1.46 -18.73 4.59
CA ALA A 247 0.13 -18.72 3.98
C ALA A 247 -0.93 -18.75 5.09
N HIS A 248 -0.96 -17.68 5.89
CA HIS A 248 -1.68 -17.70 7.18
C HIS A 248 -3.17 -17.92 7.05
N LEU A 249 -3.75 -17.42 5.97
CA LEU A 249 -5.20 -17.55 5.78
C LEU A 249 -5.56 -18.66 4.80
N VAL A 250 -4.64 -19.61 4.61
CA VAL A 250 -4.87 -20.69 3.62
C VAL A 250 -6.15 -21.47 3.92
N GLY A 251 -6.98 -21.68 2.88
CA GLY A 251 -8.24 -22.40 3.05
C GLY A 251 -9.42 -21.57 3.55
N LEU A 252 -9.17 -20.27 3.77
CA LEU A 252 -10.16 -19.43 4.44
C LEU A 252 -10.79 -18.37 3.56
N GLY A 253 -10.45 -18.35 2.29
CA GLY A 253 -11.01 -17.36 1.35
C GLY A 253 -12.03 -17.99 0.43
N ARG A 254 -11.79 -17.89 -0.87
CA ARG A 254 -12.61 -18.58 -1.85
C ARG A 254 -12.61 -20.09 -1.62
N TYR A 255 -11.52 -20.61 -1.03
CA TYR A 255 -11.50 -22.02 -0.66
C TYR A 255 -12.63 -22.37 0.32
N LEU A 256 -12.80 -21.53 1.33
CA LEU A 256 -13.86 -21.71 2.34
C LEU A 256 -15.26 -21.58 1.75
N ILE A 257 -15.45 -20.58 0.89
CA ILE A 257 -16.72 -20.36 0.21
C ILE A 257 -17.18 -21.60 -0.56
N LEU A 258 -16.25 -22.21 -1.30
CA LEU A 258 -16.53 -23.39 -2.11
C LEU A 258 -16.61 -24.69 -1.31
N ASN A 259 -15.64 -24.89 -0.41
CA ASN A 259 -15.45 -26.18 0.23
C ASN A 259 -15.96 -26.25 1.66
N GLY A 260 -16.38 -25.11 2.21
CA GLY A 260 -16.67 -25.05 3.64
C GLY A 260 -15.44 -25.25 4.51
N VAL A 261 -15.68 -25.52 5.79
CA VAL A 261 -14.62 -25.69 6.78
C VAL A 261 -13.93 -27.04 6.61
N VAL A 262 -12.62 -27.03 6.50
CA VAL A 262 -11.85 -28.26 6.40
C VAL A 262 -10.71 -28.29 7.44
N ASP A 263 -10.17 -29.48 7.68
CA ASP A 263 -8.93 -29.62 8.44
C ASP A 263 -7.77 -29.00 7.65
N ARG A 264 -7.20 -27.91 8.16
CA ARG A 264 -6.26 -27.12 7.37
C ARG A 264 -4.87 -27.76 7.32
N SER A 265 -4.55 -28.57 8.32
CA SER A 265 -3.27 -29.28 8.28
C SER A 265 -3.31 -30.37 7.20
N LEU A 266 -4.47 -31.01 7.02
CA LEU A 266 -4.66 -31.95 5.92
C LEU A 266 -4.70 -31.21 4.60
N LEU A 267 -5.31 -30.02 4.58
CA LEU A 267 -5.32 -29.22 3.36
C LEU A 267 -3.88 -28.93 2.87
N MET A 268 -3.02 -28.49 3.80
CA MET A 268 -1.59 -28.33 3.49
C MET A 268 -0.98 -29.60 2.88
N CYS A 269 -1.22 -30.75 3.51
CA CYS A 269 -0.66 -32.00 3.01
C CYS A 269 -1.17 -32.34 1.62
N GLN A 270 -2.44 -32.05 1.37
CA GLN A 270 -3.03 -32.37 0.07
C GLN A 270 -2.38 -31.53 -1.03
N HIS A 271 -2.19 -30.25 -0.74
CA HIS A 271 -1.57 -29.36 -1.70
C HIS A 271 -0.12 -29.77 -1.89
N LEU A 272 0.56 -30.07 -0.79
CA LEU A 272 1.96 -30.45 -0.87
C LEU A 272 2.13 -31.72 -1.70
N GLU A 273 1.26 -32.69 -1.49
CA GLU A 273 1.36 -33.93 -2.27
C GLU A 273 1.29 -33.64 -3.76
N ARG A 274 0.31 -32.84 -4.16
CA ARG A 274 0.13 -32.53 -5.58
C ARG A 274 1.35 -31.81 -6.18
N VAL A 275 1.93 -30.90 -5.41
CA VAL A 275 3.11 -30.15 -5.89
C VAL A 275 4.30 -31.08 -6.01
N LEU A 276 4.49 -31.97 -5.03
CA LEU A 276 5.58 -32.96 -5.10
C LEU A 276 5.39 -33.91 -6.29
N ASP A 277 4.14 -34.25 -6.60
CA ASP A 277 3.82 -35.04 -7.79
C ASP A 277 4.25 -34.34 -9.09
N ILE A 278 3.95 -33.05 -9.19
CA ILE A 278 4.39 -32.22 -10.32
C ILE A 278 5.92 -32.18 -10.39
N ALA A 279 6.56 -31.88 -9.26
CA ALA A 279 8.01 -31.89 -9.17
C ALA A 279 8.58 -33.22 -9.68
N ASP A 280 7.93 -34.31 -9.31
CA ASP A 280 8.42 -35.66 -9.66
C ASP A 280 8.42 -35.84 -11.16
N LYS A 281 7.45 -35.22 -11.79
CA LYS A 281 7.23 -35.38 -13.23
C LYS A 281 8.42 -34.82 -13.98
N TYR A 282 9.09 -33.85 -13.36
CA TYR A 282 10.25 -33.21 -13.94
C TYR A 282 11.58 -33.63 -13.31
N GLY A 283 11.54 -34.58 -12.37
CA GLY A 283 12.74 -35.11 -11.71
C GLY A 283 13.32 -34.25 -10.60
N PHE A 284 12.54 -33.32 -10.07
CA PHE A 284 13.06 -32.43 -9.01
C PHE A 284 13.00 -33.05 -7.62
N HIS A 285 13.98 -32.71 -6.80
CA HIS A 285 13.98 -33.02 -5.37
C HIS A 285 13.71 -31.70 -4.65
N CYS A 286 12.72 -31.69 -3.76
CA CYS A 286 12.22 -30.43 -3.18
C CYS A 286 12.63 -30.20 -1.74
N GLN A 287 12.72 -28.90 -1.41
CA GLN A 287 12.80 -28.40 -0.03
C GLN A 287 11.62 -27.44 0.13
N MET A 288 11.21 -27.19 1.38
CA MET A 288 10.14 -26.22 1.61
C MET A 288 10.37 -25.58 2.98
N TRP A 289 9.90 -24.34 3.15
CA TRP A 289 9.93 -23.70 4.44
C TRP A 289 8.95 -24.45 5.34
N SER A 290 9.28 -24.59 6.63
CA SER A 290 8.53 -25.49 7.50
C SER A 290 7.38 -24.85 8.30
N ASP A 291 7.26 -23.52 8.27
CA ASP A 291 6.47 -22.83 9.29
C ASP A 291 4.97 -23.16 9.31
N MET A 292 4.36 -23.44 8.15
CA MET A 292 2.90 -23.65 8.13
C MET A 292 2.44 -24.87 8.94
N PHE A 293 3.26 -25.92 8.97
CA PHE A 293 2.95 -27.08 9.81
C PHE A 293 2.84 -26.68 11.28
N PHE A 294 3.74 -25.82 11.72
CA PHE A 294 3.73 -25.38 13.11
C PHE A 294 2.60 -24.40 13.39
N LYS A 295 2.40 -23.45 12.48
CA LYS A 295 1.32 -22.47 12.63
C LYS A 295 -0.07 -23.11 12.66
N LEU A 296 -0.27 -24.16 11.87
CA LEU A 296 -1.60 -24.81 11.80
C LEU A 296 -1.84 -25.84 12.91
N MET A 297 -0.79 -26.23 13.62
CA MET A 297 -0.91 -27.27 14.64
C MET A 297 -0.40 -26.85 16.01
N SER A 298 -0.08 -25.57 16.16
CA SER A 298 0.28 -25.03 17.47
C SER A 298 -0.93 -24.38 18.14
N ALA A 299 -0.84 -24.11 19.44
CA ALA A 299 -1.94 -23.55 20.22
C ALA A 299 -2.33 -22.13 19.77
N ASP A 300 -1.33 -21.30 19.51
CA ASP A 300 -1.57 -19.87 19.21
C ASP A 300 -1.17 -19.47 17.79
N GLY A 301 -1.01 -20.47 16.92
CA GLY A 301 -0.78 -20.21 15.50
C GLY A 301 0.62 -19.71 15.19
N GLN A 302 1.57 -19.95 16.10
CA GLN A 302 2.94 -19.48 15.89
C GLN A 302 3.93 -20.61 15.54
N TYR A 303 5.10 -20.22 15.07
CA TYR A 303 6.13 -21.12 14.52
C TYR A 303 6.95 -21.71 15.65
N ASP A 304 7.38 -20.82 16.53
CA ASP A 304 8.29 -21.10 17.65
C ASP A 304 7.56 -21.85 18.77
N ARG A 305 6.96 -22.99 18.44
CA ARG A 305 6.01 -23.63 19.34
C ARG A 305 6.02 -25.15 19.17
N ASP A 306 5.55 -25.87 20.19
CA ASP A 306 5.32 -27.30 20.10
C ASP A 306 3.96 -27.59 19.44
N VAL A 307 3.80 -28.79 18.88
CA VAL A 307 2.64 -29.10 18.05
C VAL A 307 1.90 -30.36 18.44
N GLU A 308 0.56 -30.29 18.41
CA GLU A 308 -0.29 -31.47 18.49
C GLU A 308 -0.65 -31.91 17.07
N ILE A 309 -0.12 -33.05 16.65
CA ILE A 309 -0.36 -33.58 15.31
C ILE A 309 -1.53 -34.55 15.33
N PRO A 310 -2.67 -34.18 14.70
CA PRO A 310 -3.80 -35.11 14.57
C PRO A 310 -3.36 -36.37 13.84
N GLU A 311 -3.96 -37.50 14.21
CA GLU A 311 -3.55 -38.79 13.67
C GLU A 311 -3.61 -38.85 12.14
N GLU A 312 -4.70 -38.39 11.54
CA GLU A 312 -4.80 -38.44 10.09
C GLU A 312 -3.70 -37.59 9.42
N THR A 313 -3.33 -36.50 10.08
CA THR A 313 -2.23 -35.66 9.59
C THR A 313 -0.88 -36.34 9.77
N ARG A 314 -0.65 -36.95 10.94
CA ARG A 314 0.59 -37.68 11.19
C ARG A 314 0.82 -38.70 10.09
N VAL A 315 -0.23 -39.45 9.76
CA VAL A 315 -0.11 -40.51 8.78
C VAL A 315 0.27 -39.91 7.42
N TYR A 316 -0.36 -38.80 7.09
CA TYR A 316 -0.08 -38.13 5.81
C TYR A 316 1.37 -37.60 5.79
N LEU A 317 1.80 -37.01 6.91
CA LEU A 317 3.16 -36.47 6.99
C LEU A 317 4.20 -37.54 6.94
N ASP A 318 3.87 -38.70 7.50
CA ASP A 318 4.80 -39.84 7.46
C ASP A 318 5.14 -40.30 6.05
N ARG A 319 4.19 -40.13 5.13
CA ARG A 319 4.44 -40.40 3.72
C ARG A 319 5.26 -39.23 3.12
N LEU A 320 4.75 -38.03 3.28
CA LEU A 320 5.31 -36.89 2.55
C LEU A 320 6.73 -36.56 3.00
N LYS A 321 7.06 -36.87 4.26
CA LYS A 321 8.34 -36.48 4.84
C LYS A 321 9.51 -37.15 4.12
N ASP A 322 9.23 -38.21 3.38
CA ASP A 322 10.28 -38.94 2.68
C ASP A 322 10.55 -38.30 1.33
N ARG A 323 9.76 -37.27 0.98
CA ARG A 323 9.76 -36.71 -0.38
C ARG A 323 10.14 -35.23 -0.39
N VAL A 324 10.39 -34.66 0.78
CA VAL A 324 10.71 -33.22 0.83
C VAL A 324 11.59 -32.95 2.04
N THR A 325 12.48 -31.98 1.91
CA THR A 325 13.31 -31.53 3.04
C THR A 325 12.66 -30.31 3.66
N LEU A 326 12.40 -30.36 4.96
CA LEU A 326 11.81 -29.23 5.67
C LEU A 326 12.90 -28.25 6.08
N VAL A 327 12.69 -26.97 5.82
CA VAL A 327 13.70 -25.98 6.17
C VAL A 327 13.20 -25.15 7.35
N TYR A 328 13.85 -25.31 8.49
CA TYR A 328 13.55 -24.50 9.67
C TYR A 328 14.30 -23.19 9.50
N TRP A 329 13.58 -22.08 9.39
CA TRP A 329 14.23 -20.78 9.21
C TRP A 329 14.10 -19.94 10.46
N ASP A 330 15.18 -19.29 10.87
CA ASP A 330 15.15 -18.47 12.08
C ASP A 330 16.37 -17.54 12.06
N TYR A 331 16.11 -16.23 12.09
CA TYR A 331 17.15 -15.23 11.91
C TYR A 331 17.34 -14.46 13.20
N TYR A 332 16.74 -14.94 14.29
CA TYR A 332 16.45 -14.06 15.43
C TYR A 332 17.07 -14.42 16.79
N GLN A 333 17.30 -15.71 17.06
CA GLN A 333 17.58 -16.13 18.44
C GLN A 333 19.03 -15.88 18.83
N ASP A 334 19.23 -15.44 20.08
CA ASP A 334 20.56 -15.11 20.61
C ASP A 334 21.20 -16.27 21.40
N SER A 335 20.55 -17.42 21.43
CA SER A 335 21.13 -18.54 22.15
C SER A 335 20.87 -19.88 21.48
N GLU A 336 21.90 -20.73 21.51
CA GLU A 336 21.83 -22.09 20.95
C GLU A 336 20.59 -22.84 21.43
N GLU A 337 20.29 -22.71 22.72
CA GLU A 337 19.21 -23.49 23.32
C GLU A 337 17.86 -23.15 22.67
N LYS A 338 17.71 -21.90 22.25
CA LYS A 338 16.49 -21.46 21.59
C LYS A 338 16.31 -22.15 20.24
N TYR A 339 17.39 -22.26 19.45
CA TYR A 339 17.32 -23.03 18.19
C TYR A 339 17.09 -24.51 18.46
N ASN A 340 17.81 -25.05 19.46
CA ASN A 340 17.78 -26.48 19.77
C ASN A 340 16.36 -26.96 20.00
N ARG A 341 15.59 -26.17 20.76
CA ARG A 341 14.21 -26.49 21.12
C ARG A 341 13.34 -26.60 19.87
N ASN A 342 13.55 -25.69 18.93
CA ASN A 342 12.84 -25.74 17.66
C ASN A 342 13.23 -26.92 16.79
N PHE A 343 14.52 -27.25 16.76
CA PHE A 343 14.94 -28.47 16.05
C PHE A 343 14.25 -29.67 16.66
N ARG A 344 14.21 -29.73 17.99
CA ARG A 344 13.53 -30.83 18.67
C ARG A 344 12.07 -30.95 18.23
N ASN A 345 11.36 -29.82 18.12
CA ASN A 345 9.96 -29.81 17.65
C ASN A 345 9.83 -30.31 16.20
N HIS A 346 10.77 -29.92 15.36
CA HIS A 346 10.80 -30.41 13.97
C HIS A 346 11.00 -31.93 13.88
N HIS A 347 11.79 -32.49 14.79
CA HIS A 347 12.05 -33.94 14.76
C HIS A 347 10.77 -34.78 14.91
N LYS A 348 9.73 -34.19 15.51
CA LYS A 348 8.44 -34.85 15.61
C LYS A 348 7.86 -35.11 14.23
N ILE A 349 8.15 -34.22 13.29
CA ILE A 349 7.69 -34.41 11.91
C ILE A 349 8.70 -35.14 11.03
N SER A 350 9.97 -34.75 11.09
CA SER A 350 10.92 -35.28 10.14
C SER A 350 12.35 -35.12 10.61
N HIS A 351 13.19 -36.05 10.19
CA HIS A 351 14.62 -35.89 10.42
C HIS A 351 15.36 -35.45 9.13
N ASP A 352 14.61 -35.20 8.06
CA ASP A 352 15.21 -34.64 6.86
C ASP A 352 15.03 -33.13 6.90
N LEU A 353 15.99 -32.45 7.54
CA LEU A 353 15.89 -31.03 7.85
C LEU A 353 17.04 -30.24 7.26
N ALA A 354 16.78 -28.98 6.94
CA ALA A 354 17.86 -28.01 6.76
C ALA A 354 17.55 -26.75 7.57
N PHE A 355 18.55 -25.89 7.74
CA PHE A 355 18.40 -24.67 8.50
C PHE A 355 18.65 -23.47 7.60
N ALA A 356 17.83 -22.44 7.76
CA ALA A 356 18.05 -21.17 7.06
C ALA A 356 18.34 -20.07 8.07
N GLY A 357 19.55 -19.51 7.99
CA GLY A 357 19.93 -18.38 8.83
C GLY A 357 19.76 -17.10 8.05
N GLY A 358 20.22 -15.99 8.62
CA GLY A 358 19.91 -14.67 8.04
C GLY A 358 21.12 -13.76 7.92
N ALA A 359 21.33 -13.24 6.70
CA ALA A 359 22.20 -12.08 6.46
C ALA A 359 21.29 -10.85 6.40
N TRP A 360 21.24 -10.12 7.49
CA TRP A 360 20.22 -9.08 7.71
C TRP A 360 20.41 -7.93 6.72
N LYS A 361 19.61 -7.93 5.65
CA LYS A 361 19.63 -6.86 4.65
C LYS A 361 18.21 -6.51 4.19
N TRP A 362 17.24 -6.68 5.10
CA TRP A 362 15.83 -6.45 4.80
C TRP A 362 15.16 -5.38 5.68
N ILE A 363 15.96 -4.48 6.25
CA ILE A 363 15.41 -3.49 7.18
C ILE A 363 15.60 -2.04 6.70
N GLY A 364 15.61 -1.85 5.38
CA GLY A 364 15.61 -0.51 4.82
C GLY A 364 16.74 -0.33 3.84
N PHE A 365 17.63 0.59 4.16
CA PHE A 365 18.75 0.97 3.27
C PHE A 365 20.03 0.37 3.78
N THR A 366 20.03 -0.04 5.04
CA THR A 366 21.26 -0.32 5.78
C THR A 366 21.15 -1.72 6.40
N PRO A 367 22.18 -2.57 6.22
CA PRO A 367 22.12 -3.95 6.72
C PRO A 367 22.45 -4.00 8.20
N HIS A 368 22.47 -5.20 8.78
CA HIS A 368 22.90 -5.39 10.16
C HIS A 368 23.80 -6.62 10.23
N ASN A 369 25.00 -6.46 9.68
CA ASN A 369 26.01 -7.52 9.76
C ASN A 369 26.36 -7.85 11.21
N HIS A 370 26.38 -6.85 12.08
CA HIS A 370 26.70 -7.07 13.50
C HIS A 370 25.72 -8.05 14.14
N PHE A 371 24.43 -7.77 14.00
CA PHE A 371 23.42 -8.69 14.54
C PHE A 371 23.49 -10.06 13.86
N SER A 372 23.73 -10.09 12.56
CA SER A 372 23.87 -11.34 11.82
C SER A 372 25.00 -12.20 12.40
N ARG A 373 26.10 -11.55 12.82
CA ARG A 373 27.23 -12.26 13.40
C ARG A 373 26.82 -12.90 14.71
N LEU A 374 26.17 -12.12 15.57
CA LEU A 374 25.74 -12.61 16.88
C LEU A 374 24.85 -13.87 16.77
N VAL A 375 23.84 -13.81 15.91
CA VAL A 375 22.93 -14.95 15.74
C VAL A 375 23.59 -16.13 15.01
N ALA A 376 24.53 -15.85 14.11
CA ALA A 376 25.22 -16.93 13.38
C ALA A 376 26.04 -17.83 14.27
N ILE A 377 26.76 -17.23 15.21
CA ILE A 377 27.59 -17.97 16.16
C ILE A 377 26.74 -18.99 16.95
N GLU A 378 25.56 -18.56 17.38
CA GLU A 378 24.67 -19.42 18.17
C GLU A 378 23.90 -20.42 17.31
N ALA A 379 23.49 -19.98 16.12
CA ALA A 379 22.77 -20.86 15.21
C ALA A 379 23.69 -22.00 14.76
N ASN A 380 24.97 -21.68 14.52
CA ASN A 380 25.93 -22.70 14.11
C ASN A 380 26.11 -23.79 15.17
N LYS A 381 26.13 -23.41 16.44
CA LYS A 381 26.20 -24.41 17.53
C LYS A 381 25.02 -25.36 17.49
N ALA A 382 23.83 -24.81 17.33
CA ALA A 382 22.60 -25.59 17.32
C ALA A 382 22.53 -26.51 16.09
N CYS A 383 22.91 -25.98 14.93
CA CYS A 383 22.89 -26.77 13.69
C CYS A 383 23.81 -27.98 13.83
N ARG A 384 25.02 -27.72 14.35
CA ARG A 384 26.00 -28.77 14.61
C ARG A 384 25.47 -29.80 15.61
N ALA A 385 24.79 -29.32 16.66
CA ALA A 385 24.29 -30.19 17.72
C ALA A 385 23.15 -31.06 17.22
N ASN A 386 22.52 -30.64 16.13
CA ASN A 386 21.42 -31.39 15.56
C ASN A 386 21.75 -32.03 14.22
N GLN A 387 23.05 -32.18 13.96
CA GLN A 387 23.55 -32.86 12.76
C GLN A 387 22.92 -32.33 11.47
N ILE A 388 22.65 -31.03 11.46
CA ILE A 388 22.08 -30.41 10.26
C ILE A 388 23.08 -30.44 9.12
N LYS A 389 22.62 -30.86 7.93
CA LYS A 389 23.50 -31.13 6.81
C LYS A 389 23.67 -29.91 5.88
N GLU A 390 22.68 -29.02 5.90
CA GLU A 390 22.69 -27.88 4.98
C GLU A 390 22.25 -26.62 5.69
N VAL A 391 23.01 -25.55 5.48
CA VAL A 391 22.60 -24.22 5.93
C VAL A 391 22.43 -23.32 4.71
N ILE A 392 21.27 -22.66 4.65
CA ILE A 392 21.00 -21.67 3.63
C ILE A 392 21.02 -20.31 4.33
N VAL A 393 21.98 -19.46 3.97
CA VAL A 393 22.01 -18.08 4.46
C VAL A 393 21.09 -17.24 3.58
N THR A 394 20.08 -16.61 4.20
CA THR A 394 19.08 -15.86 3.43
C THR A 394 19.35 -14.35 3.41
N GLY A 395 19.14 -13.74 2.24
CA GLY A 395 19.32 -12.30 2.06
C GLY A 395 18.05 -11.61 1.61
N TRP A 396 17.05 -11.63 2.48
CA TRP A 396 15.71 -11.09 2.15
C TRP A 396 15.80 -9.59 1.93
N GLY A 397 14.79 -9.03 1.24
CA GLY A 397 14.78 -7.61 0.87
C GLY A 397 13.45 -6.90 1.19
N ASP A 398 12.80 -7.32 2.28
CA ASP A 398 11.45 -6.87 2.65
C ASP A 398 11.10 -5.44 2.22
N ASN A 399 9.95 -5.31 1.58
CA ASN A 399 9.27 -4.03 1.41
C ASN A 399 10.06 -3.09 0.49
N GLY A 400 10.53 -3.60 -0.65
CA GLY A 400 11.14 -2.71 -1.66
C GLY A 400 12.62 -2.91 -2.01
N GLY A 401 13.33 -3.75 -1.26
CA GLY A 401 14.69 -4.13 -1.67
C GLY A 401 15.70 -2.99 -1.61
N GLU A 402 15.57 -2.12 -0.61
CA GLU A 402 16.31 -0.86 -0.57
C GLU A 402 17.74 -1.01 -0.04
N THR A 403 18.09 -2.19 0.47
CA THR A 403 19.45 -2.43 0.92
C THR A 403 20.30 -3.01 -0.19
N ALA A 404 21.57 -2.58 -0.28
CA ALA A 404 22.47 -3.06 -1.34
C ALA A 404 22.65 -4.59 -1.30
N GLN A 405 22.73 -5.17 -2.48
CA GLN A 405 22.95 -6.62 -2.66
C GLN A 405 24.29 -7.07 -2.06
N PHE A 406 25.32 -6.24 -2.17
CA PHE A 406 26.63 -6.64 -1.67
C PHE A 406 26.92 -6.10 -0.25
N SER A 407 25.88 -5.58 0.38
CA SER A 407 26.04 -4.99 1.71
C SER A 407 26.37 -6.00 2.82
N ILE A 408 26.12 -7.27 2.55
CA ILE A 408 26.19 -8.32 3.57
C ILE A 408 27.35 -9.30 3.38
N LEU A 409 28.36 -8.92 2.59
CA LEU A 409 29.55 -9.78 2.45
C LEU A 409 30.14 -10.26 3.76
N PRO A 410 30.23 -9.39 4.78
CA PRO A 410 30.79 -9.89 6.03
C PRO A 410 29.99 -11.06 6.60
N SER A 411 28.66 -10.97 6.55
CA SER A 411 27.79 -12.02 7.04
C SER A 411 27.99 -13.35 6.28
N LEU A 412 28.25 -13.25 4.98
CA LEU A 412 28.50 -14.45 4.19
C LEU A 412 29.84 -15.06 4.59
N GLN A 413 30.84 -14.21 4.85
CA GLN A 413 32.14 -14.74 5.24
C GLN A 413 32.07 -15.40 6.60
N ILE A 414 31.29 -14.81 7.50
CA ILE A 414 31.09 -15.34 8.84
C ILE A 414 30.53 -16.76 8.79
N TRP A 415 29.50 -16.98 7.97
CA TRP A 415 28.92 -18.32 7.93
C TRP A 415 29.90 -19.32 7.31
N ALA A 416 30.63 -18.89 6.27
CA ALA A 416 31.66 -19.73 5.67
C ALA A 416 32.71 -20.11 6.70
N GLU A 417 33.17 -19.15 7.51
CA GLU A 417 34.16 -19.44 8.54
C GLU A 417 33.59 -20.41 9.55
N LEU A 418 32.34 -20.23 9.93
CA LEU A 418 31.73 -21.11 10.94
C LEU A 418 31.58 -22.55 10.45
N SER A 419 31.27 -22.72 9.17
CA SER A 419 31.17 -24.06 8.58
C SER A 419 32.54 -24.76 8.53
N TYR A 420 33.54 -24.04 8.02
CA TYR A 420 34.84 -24.63 7.70
C TYR A 420 35.79 -24.74 8.89
N ARG A 421 35.69 -23.80 9.82
CA ARG A 421 36.63 -23.74 10.96
C ARG A 421 35.95 -23.86 12.31
N ASN A 422 34.63 -23.66 12.35
CA ASN A 422 33.89 -23.56 13.63
C ASN A 422 34.33 -22.43 14.53
N ASP A 423 34.99 -21.42 13.96
CA ASP A 423 35.31 -20.21 14.70
C ASP A 423 35.49 -19.07 13.72
N LEU A 424 35.67 -17.86 14.25
CA LEU A 424 35.90 -16.70 13.40
C LEU A 424 37.34 -16.21 13.40
N ASP A 425 38.27 -17.09 13.77
CA ASP A 425 39.68 -16.70 13.85
C ASP A 425 40.28 -16.26 12.51
N GLY A 426 39.81 -16.84 11.42
CA GLY A 426 40.29 -16.47 10.11
C GLY A 426 39.45 -15.43 9.39
N LEU A 427 38.37 -14.99 10.02
CA LEU A 427 37.40 -14.07 9.38
C LEU A 427 38.03 -12.83 8.74
N SER A 428 38.75 -12.02 9.52
CA SER A 428 39.21 -10.78 8.92
C SER A 428 40.27 -10.95 7.83
N ALA A 429 41.16 -11.92 8.00
CA ALA A 429 42.26 -12.10 7.06
C ALA A 429 41.71 -12.64 5.72
N HIS A 430 40.79 -13.59 5.81
CA HIS A 430 40.22 -14.17 4.60
C HIS A 430 39.34 -13.14 3.90
N PHE A 431 38.60 -12.37 4.71
CA PHE A 431 37.73 -11.32 4.16
C PHE A 431 38.51 -10.23 3.43
N LYS A 432 39.65 -9.83 4.00
CA LYS A 432 40.53 -8.86 3.38
C LYS A 432 41.12 -9.38 2.07
N THR A 433 41.50 -10.66 2.05
CA THR A 433 41.97 -11.29 0.80
C THR A 433 40.90 -11.23 -0.27
N ASN A 434 39.67 -11.48 0.14
CA ASN A 434 38.57 -11.65 -0.79
C ASN A 434 38.02 -10.31 -1.29
N THR A 435 38.14 -9.27 -0.48
CA THR A 435 37.45 -8.00 -0.79
C THR A 435 38.37 -6.79 -0.88
N GLY A 436 39.55 -6.88 -0.27
CA GLY A 436 40.41 -5.72 -0.12
C GLY A 436 40.15 -4.90 1.13
N LEU A 437 39.08 -5.20 1.85
CA LEU A 437 38.75 -4.48 3.09
C LEU A 437 38.89 -5.38 4.29
N THR A 438 39.31 -4.84 5.43
CA THR A 438 39.16 -5.59 6.67
C THR A 438 37.67 -5.77 6.96
N VAL A 439 37.35 -6.86 7.65
CA VAL A 439 35.95 -7.11 8.00
C VAL A 439 35.41 -6.01 8.91
N GLU A 440 36.25 -5.43 9.77
CA GLU A 440 35.74 -4.40 10.68
C GLU A 440 35.39 -3.11 9.94
N ASP A 441 36.22 -2.77 8.94
CA ASP A 441 35.93 -1.65 8.04
C ASP A 441 34.62 -1.85 7.28
N PHE A 442 34.48 -3.01 6.66
CA PHE A 442 33.29 -3.27 5.84
C PHE A 442 32.04 -3.25 6.74
N MET A 443 32.17 -3.74 7.96
CA MET A 443 31.01 -3.82 8.84
C MET A 443 30.55 -2.47 9.36
N GLN A 444 31.36 -1.42 9.18
CA GLN A 444 30.87 -0.05 9.43
C GLN A 444 29.70 0.31 8.53
N ILE A 445 29.50 -0.48 7.48
CA ILE A 445 28.34 -0.26 6.62
C ILE A 445 27.02 -0.25 7.41
N ASP A 446 27.03 -0.89 8.59
CA ASP A 446 25.83 -1.05 9.44
C ASP A 446 25.45 0.24 10.20
N LEU A 447 26.31 1.24 10.17
CA LEU A 447 26.28 2.30 11.20
C LEU A 447 24.95 3.00 11.41
N ALA A 448 24.21 3.26 10.33
CA ALA A 448 22.92 3.96 10.48
C ALA A 448 21.92 3.20 11.37
N ASN A 449 22.19 1.92 11.65
CA ASN A 449 21.37 1.15 12.59
C ASN A 449 21.97 1.08 14.00
N LEU A 450 23.25 1.37 14.12
CA LEU A 450 23.97 1.10 15.37
C LEU A 450 23.93 2.23 16.42
N LEU A 451 22.72 2.66 16.81
CA LEU A 451 22.61 3.66 17.86
C LEU A 451 23.28 3.18 19.16
N PRO A 452 23.99 4.07 19.87
CA PRO A 452 24.85 3.61 20.96
C PRO A 452 24.13 2.94 22.14
N ASP A 453 22.87 3.27 22.40
CA ASP A 453 22.19 2.68 23.56
C ASP A 453 21.40 1.40 23.29
N LEU A 454 21.57 0.82 22.11
CA LEU A 454 20.98 -0.48 21.80
C LEU A 454 21.82 -1.63 22.34
N PRO A 455 21.15 -2.67 22.87
CA PRO A 455 21.86 -3.92 23.20
C PRO A 455 22.12 -4.67 21.91
N GLY A 456 23.11 -5.54 21.87
CA GLY A 456 23.44 -6.14 20.56
C GLY A 456 22.45 -7.17 20.04
N ASN A 457 21.52 -7.57 20.89
CA ASN A 457 20.81 -8.84 20.72
C ASN A 457 19.34 -8.69 20.37
N LEU A 458 18.89 -7.47 20.11
CA LEU A 458 17.51 -7.24 19.64
C LEU A 458 17.48 -6.89 18.14
N SER A 459 16.58 -7.54 17.41
CA SER A 459 16.57 -7.48 15.94
C SER A 459 15.65 -6.39 15.40
N GLY A 460 15.91 -5.99 14.16
CA GLY A 460 14.94 -5.17 13.42
C GLY A 460 14.90 -3.70 13.77
N ILE A 461 15.78 -3.26 14.66
CA ILE A 461 15.78 -1.85 15.06
C ILE A 461 16.46 -1.06 13.95
N ASN A 462 15.65 -0.27 13.25
CA ASN A 462 16.05 0.21 11.93
C ASN A 462 15.89 1.72 11.71
N PRO A 463 16.52 2.54 12.57
CA PRO A 463 16.39 3.98 12.36
C PRO A 463 16.89 4.48 11.00
N ASN A 464 17.77 3.72 10.35
CA ASN A 464 18.24 4.09 9.02
C ASN A 464 17.06 4.43 8.13
N ARG A 465 15.97 3.69 8.32
CA ARG A 465 14.89 3.72 7.34
C ARG A 465 13.79 4.66 7.82
N TYR A 466 13.39 4.52 9.08
CA TYR A 466 12.26 5.32 9.54
C TYR A 466 12.61 6.77 9.85
N VAL A 467 13.87 7.06 10.21
CA VAL A 467 14.30 8.45 10.29
C VAL A 467 14.28 9.08 8.91
N PHE A 468 14.67 8.31 7.90
CA PHE A 468 14.66 8.81 6.52
C PHE A 468 13.26 9.15 6.01
N TYR A 469 12.36 8.16 6.03
CA TYR A 469 11.07 8.32 5.40
C TYR A 469 10.01 9.06 6.24
N GLN A 470 10.29 9.34 7.51
CA GLN A 470 9.35 10.08 8.36
C GLN A 470 8.96 11.42 7.74
N ASP A 471 7.71 11.81 7.91
CA ASP A 471 7.27 13.15 7.51
C ASP A 471 7.93 14.26 8.33
N ILE A 472 7.86 15.50 7.84
CA ILE A 472 8.41 16.66 8.57
C ILE A 472 7.36 17.25 9.49
N LEU A 473 6.19 17.59 8.94
CA LEU A 473 5.14 18.29 9.69
C LEU A 473 4.45 17.36 10.67
N CYS A 474 4.38 16.09 10.28
CA CYS A 474 3.68 15.08 11.06
C CYS A 474 4.63 13.91 11.39
N PRO A 475 5.65 14.16 12.25
CA PRO A 475 6.68 13.15 12.48
C PRO A 475 6.25 12.11 13.50
N ILE A 476 5.56 11.07 13.01
CA ILE A 476 4.89 10.10 13.88
C ILE A 476 5.86 9.14 14.61
N LEU A 477 7.14 9.18 14.26
CA LEU A 477 8.14 8.40 15.01
C LEU A 477 8.99 9.27 15.93
N ASP A 478 8.59 10.52 16.13
CA ASP A 478 9.47 11.43 16.88
C ASP A 478 9.76 10.97 18.31
N GLN A 479 8.85 10.25 18.94
CA GLN A 479 9.10 9.80 20.31
C GLN A 479 10.24 8.78 20.35
N HIS A 480 10.58 8.22 19.20
CA HIS A 480 11.62 7.20 19.14
C HIS A 480 13.02 7.75 18.87
N MET A 481 13.12 9.08 18.78
CA MET A 481 14.40 9.75 18.54
C MET A 481 15.02 10.26 19.82
N THR A 482 16.36 10.25 19.87
CA THR A 482 17.12 10.71 21.04
C THR A 482 18.22 11.60 20.50
N PRO A 483 17.86 12.83 20.13
CA PRO A 483 18.76 13.70 19.36
C PRO A 483 20.15 13.87 19.96
N GLU A 484 20.25 14.04 21.28
CA GLU A 484 21.55 14.23 21.95
C GLU A 484 22.54 13.09 21.64
N GLN A 485 22.04 11.86 21.55
CA GLN A 485 22.90 10.77 21.13
C GLN A 485 22.86 10.48 19.64
N ASP A 486 21.68 10.60 19.03
CA ASP A 486 21.52 10.21 17.63
C ASP A 486 22.20 11.18 16.65
N LYS A 487 22.11 12.49 16.91
CA LYS A 487 22.72 13.46 16.00
C LYS A 487 24.23 13.23 15.84
N PRO A 488 24.99 13.20 16.96
CA PRO A 488 26.43 12.96 16.82
C PRO A 488 26.75 11.57 16.28
N HIS A 489 25.94 10.56 16.60
CA HIS A 489 26.18 9.23 16.08
C HIS A 489 26.15 9.24 14.55
N PHE A 490 25.09 9.82 13.97
CA PHE A 490 24.93 9.86 12.50
C PHE A 490 25.99 10.74 11.85
N ALA A 491 26.28 11.87 12.46
CA ALA A 491 27.31 12.77 11.94
C ALA A 491 28.67 12.06 11.88
N GLN A 492 29.06 11.44 12.99
CA GLN A 492 30.34 10.71 13.07
C GLN A 492 30.36 9.55 12.07
N ALA A 493 29.22 8.86 11.96
CA ALA A 493 29.07 7.80 10.96
C ALA A 493 29.36 8.28 9.54
N ALA A 494 28.87 9.46 9.18
CA ALA A 494 29.09 9.95 7.82
C ALA A 494 30.57 10.13 7.51
N GLU A 495 31.32 10.67 8.48
CA GLU A 495 32.78 10.88 8.32
C GLU A 495 33.48 9.53 8.21
N THR A 496 33.13 8.60 9.09
CA THR A 496 33.74 7.28 9.11
C THR A 496 33.54 6.59 7.77
N LEU A 497 32.31 6.62 7.28
CA LEU A 497 31.96 5.95 6.01
C LEU A 497 32.59 6.60 4.79
N ALA A 498 32.74 7.92 4.83
CA ALA A 498 33.49 8.64 3.81
C ALA A 498 34.93 8.12 3.72
N ASN A 499 35.54 7.86 4.87
CA ASN A 499 36.90 7.34 4.93
C ASN A 499 37.00 5.91 4.41
N ILE A 500 36.03 5.08 4.77
CA ILE A 500 36.06 3.69 4.29
C ILE A 500 35.78 3.64 2.79
N LYS A 501 34.87 4.51 2.34
CA LYS A 501 34.60 4.64 0.90
C LYS A 501 35.91 4.81 0.10
N GLU A 502 36.81 5.66 0.61
CA GLU A 502 38.05 5.96 -0.10
C GLU A 502 39.01 4.79 -0.25
N LYS A 503 38.88 3.78 0.62
CA LYS A 503 39.74 2.60 0.51
C LYS A 503 38.97 1.31 0.15
N ALA A 504 37.75 1.46 -0.37
CA ALA A 504 36.86 0.32 -0.62
C ALA A 504 36.91 -0.22 -2.06
N GLY A 505 37.73 0.39 -2.91
CA GLY A 505 37.81 -0.05 -4.32
C GLY A 505 36.46 -0.26 -4.99
N ASN A 506 36.23 -1.46 -5.51
CA ASN A 506 34.99 -1.74 -6.25
C ASN A 506 33.73 -1.73 -5.40
N TYR A 507 33.90 -1.74 -4.07
CA TYR A 507 32.77 -1.68 -3.14
C TYR A 507 32.52 -0.27 -2.62
N ALA A 508 33.26 0.71 -3.15
CA ALA A 508 33.17 2.08 -2.66
C ALA A 508 31.73 2.62 -2.70
N TYR A 509 30.99 2.26 -3.75
CA TYR A 509 29.62 2.77 -3.94
C TYR A 509 28.74 2.48 -2.71
N LEU A 510 28.96 1.33 -2.07
CA LEU A 510 28.17 0.92 -0.92
C LEU A 510 28.33 1.92 0.20
N PHE A 511 29.56 2.38 0.38
CA PHE A 511 29.90 3.24 1.50
C PHE A 511 29.53 4.68 1.24
N GLU A 512 29.62 5.08 -0.03
CA GLU A 512 29.26 6.44 -0.39
C GLU A 512 27.76 6.64 -0.14
N THR A 513 26.96 5.66 -0.52
CA THR A 513 25.51 5.67 -0.23
C THR A 513 25.27 5.82 1.28
N GLN A 514 25.89 4.97 2.08
CA GLN A 514 25.68 5.03 3.52
C GLN A 514 26.15 6.37 4.16
N ALA A 515 27.28 6.90 3.69
CA ALA A 515 27.80 8.17 4.23
C ALA A 515 26.78 9.29 4.07
N GLN A 516 26.23 9.41 2.86
CA GLN A 516 25.24 10.47 2.58
C GLN A 516 23.97 10.23 3.39
N LEU A 517 23.57 8.97 3.58
CA LEU A 517 22.36 8.68 4.32
C LEU A 517 22.57 9.16 5.76
N ASN A 518 23.71 8.83 6.33
CA ASN A 518 23.98 9.21 7.73
C ASN A 518 24.05 10.72 7.88
N ALA A 519 24.62 11.40 6.88
CA ALA A 519 24.69 12.86 6.86
C ALA A 519 23.28 13.46 6.94
N ILE A 520 22.37 12.90 6.16
CA ILE A 520 20.96 13.34 6.15
C ILE A 520 20.33 13.07 7.51
N LEU A 521 20.57 11.90 8.08
CA LEU A 521 19.88 11.50 9.30
C LEU A 521 20.34 12.37 10.46
N SER A 522 21.60 12.80 10.42
CA SER A 522 22.14 13.63 11.51
C SER A 522 21.27 14.86 11.80
N SER A 523 20.73 15.47 10.74
CA SER A 523 19.87 16.64 10.91
C SER A 523 18.39 16.28 10.91
N LYS A 524 18.01 15.34 10.05
CA LYS A 524 16.60 14.99 9.90
C LYS A 524 16.02 14.31 11.15
N VAL A 525 16.90 13.71 11.97
CA VAL A 525 16.44 13.00 13.16
C VAL A 525 15.56 13.85 14.06
N ASP A 526 15.81 15.16 14.10
CA ASP A 526 15.02 16.05 14.95
C ASP A 526 14.50 17.31 14.30
N VAL A 527 14.67 17.48 12.99
CA VAL A 527 14.13 18.70 12.34
C VAL A 527 12.63 18.87 12.65
N GLY A 528 11.88 17.77 12.69
CA GLY A 528 10.43 17.84 12.98
C GLY A 528 10.17 18.34 14.38
N ARG A 529 10.99 17.88 15.32
CA ARG A 529 10.85 18.28 16.73
C ARG A 529 11.26 19.74 16.91
N ARG A 530 12.31 20.16 16.21
CA ARG A 530 12.79 21.57 16.29
C ARG A 530 11.78 22.54 15.71
N ILE A 531 11.09 22.11 14.66
CA ILE A 531 9.99 22.90 14.12
C ILE A 531 8.91 23.09 15.18
N ARG A 532 8.53 22.01 15.84
CA ARG A 532 7.48 22.09 16.86
C ARG A 532 7.91 22.92 18.07
N GLN A 533 9.15 22.75 18.50
CA GLN A 533 9.67 23.58 19.61
C GLN A 533 9.64 25.06 19.27
N ALA A 534 10.09 25.43 18.07
CA ALA A 534 10.06 26.83 17.64
C ALA A 534 8.64 27.39 17.47
N TYR A 535 7.76 26.60 16.87
CA TYR A 535 6.34 26.94 16.75
C TYR A 535 5.67 27.21 18.11
N GLN A 536 5.88 26.31 19.07
CA GLN A 536 5.30 26.49 20.41
C GLN A 536 5.89 27.73 21.09
N ALA A 537 7.17 28.00 20.82
CA ALA A 537 7.90 29.09 21.47
C ALA A 537 7.67 30.44 20.80
N ASP A 538 6.97 30.42 19.66
CA ASP A 538 6.82 31.59 18.78
C ASP A 538 8.16 32.14 18.29
N ASP A 539 9.14 31.25 18.12
CA ASP A 539 10.46 31.61 17.62
C ASP A 539 10.44 31.65 16.09
N LYS A 540 9.94 32.76 15.54
CA LYS A 540 9.69 32.88 14.10
C LYS A 540 10.98 32.95 13.28
N GLU A 541 12.06 33.42 13.90
CA GLU A 541 13.35 33.46 13.22
C GLU A 541 13.86 32.04 12.95
N SER A 542 13.72 31.18 13.95
CA SER A 542 14.08 29.77 13.81
C SER A 542 13.19 29.09 12.77
N LEU A 543 11.88 29.33 12.86
CA LEU A 543 10.95 28.82 11.83
C LEU A 543 11.39 29.25 10.44
N GLN A 544 11.83 30.50 10.33
CA GLN A 544 12.20 31.06 9.04
C GLN A 544 13.46 30.37 8.51
N GLN A 545 14.44 30.16 9.38
CA GLN A 545 15.69 29.54 8.96
C GLN A 545 15.48 28.08 8.55
N ILE A 546 14.67 27.36 9.34
CA ILE A 546 14.30 26.00 8.98
C ILE A 546 13.66 25.94 7.58
N ALA A 547 12.66 26.78 7.34
CA ALA A 547 11.92 26.75 6.08
C ALA A 547 12.70 27.26 4.86
N ARG A 548 13.57 28.25 5.08
CA ARG A 548 14.26 28.85 3.96
C ARG A 548 15.69 28.32 3.72
N GLN A 549 16.31 27.83 4.79
CA GLN A 549 17.67 27.29 4.72
C GLN A 549 17.73 25.78 4.89
N GLU A 550 17.30 25.28 6.04
CA GLU A 550 17.58 23.89 6.40
C GLU A 550 16.85 22.90 5.50
N LEU A 551 15.57 23.14 5.27
CA LEU A 551 14.76 22.21 4.49
C LEU A 551 15.09 22.17 3.00
N PRO A 552 15.40 23.34 2.39
CA PRO A 552 15.84 23.24 0.99
C PRO A 552 17.18 22.50 0.86
N GLU A 553 18.04 22.68 1.84
CA GLU A 553 19.29 21.92 1.88
C GLU A 553 19.02 20.43 2.09
N LEU A 554 18.02 20.11 2.92
CA LEU A 554 17.66 18.72 3.18
C LEU A 554 17.18 18.07 1.90
N ARG A 555 16.37 18.79 1.14
CA ARG A 555 15.94 18.33 -0.18
C ARG A 555 17.13 18.12 -1.13
N SER A 556 18.08 19.05 -1.09
CA SER A 556 19.29 18.91 -1.90
C SER A 556 20.08 17.63 -1.53
N GLN A 557 20.26 17.40 -0.23
CA GLN A 557 20.94 16.20 0.23
C GLN A 557 20.19 14.92 -0.14
N ILE A 558 18.85 14.95 -0.07
CA ILE A 558 18.07 13.78 -0.40
C ILE A 558 18.16 13.51 -1.90
N GLU A 559 18.20 14.56 -2.71
CA GLU A 559 18.34 14.35 -4.15
C GLU A 559 19.70 13.72 -4.51
N ASP A 560 20.74 14.13 -3.80
CA ASP A 560 22.07 13.53 -3.93
C ASP A 560 22.07 12.09 -3.43
N PHE A 561 21.40 11.85 -2.31
CA PHE A 561 21.24 10.48 -1.85
C PHE A 561 20.50 9.64 -2.92
N HIS A 562 19.46 10.20 -3.49
CA HIS A 562 18.69 9.47 -4.52
C HIS A 562 19.56 9.06 -5.71
N ALA A 563 20.42 9.99 -6.14
CA ALA A 563 21.38 9.75 -7.20
C ALA A 563 22.33 8.62 -6.85
N LEU A 564 22.89 8.65 -5.63
CA LEU A 564 23.85 7.62 -5.21
C LEU A 564 23.16 6.27 -5.09
N PHE A 565 21.95 6.29 -4.54
CA PHE A 565 21.13 5.09 -4.39
C PHE A 565 20.85 4.48 -5.77
N SER A 566 20.48 5.35 -6.71
CA SER A 566 20.18 4.90 -8.06
C SER A 566 21.42 4.28 -8.70
N HIS A 567 22.57 4.91 -8.48
CA HIS A 567 23.83 4.39 -9.01
C HIS A 567 24.07 2.98 -8.48
N GLN A 568 23.95 2.83 -7.16
CA GLN A 568 24.07 1.54 -6.50
C GLN A 568 23.11 0.51 -7.05
N TRP A 569 21.82 0.88 -7.10
CA TRP A 569 20.76 -0.01 -7.57
C TRP A 569 21.05 -0.50 -9.00
N LEU A 570 21.37 0.43 -9.88
CA LEU A 570 21.56 0.05 -11.30
C LEU A 570 22.84 -0.76 -11.52
N LYS A 571 23.81 -0.59 -10.63
CA LYS A 571 25.02 -1.40 -10.66
C LYS A 571 24.69 -2.88 -10.35
N GLU A 572 23.84 -3.09 -9.34
CA GLU A 572 23.57 -4.43 -8.79
C GLU A 572 22.39 -5.13 -9.42
N ASN A 573 21.35 -4.36 -9.78
CA ASN A 573 20.02 -4.88 -10.10
C ASN A 573 19.56 -4.51 -11.52
N LYS A 574 18.52 -5.18 -12.03
CA LYS A 574 17.78 -4.70 -13.18
C LYS A 574 17.08 -3.37 -12.86
N VAL A 575 16.70 -2.62 -13.88
CA VAL A 575 16.04 -1.33 -13.64
C VAL A 575 14.67 -1.46 -12.97
N PHE A 576 13.94 -2.53 -13.30
CA PHE A 576 12.57 -2.70 -12.79
C PHE A 576 12.62 -2.73 -11.27
N GLY A 577 11.70 -2.03 -10.63
CA GLY A 577 11.65 -2.02 -9.16
C GLY A 577 12.22 -0.72 -8.59
N LEU A 578 13.13 -0.08 -9.33
CA LEU A 578 13.66 1.22 -8.91
C LEU A 578 12.54 2.27 -8.88
N ASP A 579 11.53 2.04 -9.71
CA ASP A 579 10.37 2.95 -9.79
C ASP A 579 9.69 3.15 -8.43
N THR A 580 9.63 2.09 -7.61
CA THR A 580 9.00 2.23 -6.29
C THR A 580 9.80 3.18 -5.39
N VAL A 581 11.12 3.11 -5.50
CA VAL A 581 11.97 4.01 -4.70
C VAL A 581 11.84 5.46 -5.21
N ASP A 582 11.75 5.60 -6.53
CA ASP A 582 11.53 6.93 -7.12
C ASP A 582 10.24 7.53 -6.56
N ILE A 583 9.21 6.70 -6.48
CA ILE A 583 7.91 7.16 -6.02
C ILE A 583 8.02 7.56 -4.54
N ARG A 584 8.65 6.70 -3.74
CA ARG A 584 8.77 6.97 -2.30
C ARG A 584 9.59 8.21 -2.03
N MET A 585 10.74 8.34 -2.70
CA MET A 585 11.60 9.49 -2.44
C MET A 585 11.02 10.80 -2.97
N GLY A 586 10.37 10.73 -4.13
CA GLY A 586 9.64 11.89 -4.68
C GLY A 586 8.58 12.39 -3.73
N GLY A 587 7.84 11.44 -3.14
CA GLY A 587 6.83 11.78 -2.13
C GLY A 587 7.44 12.46 -0.91
N LEU A 588 8.57 11.93 -0.45
CA LEU A 588 9.26 12.56 0.70
C LEU A 588 9.67 14.01 0.35
N LEU A 589 10.24 14.20 -0.85
CA LEU A 589 10.67 15.53 -1.28
C LEU A 589 9.49 16.49 -1.32
N GLN A 590 8.36 16.01 -1.80
CA GLN A 590 7.16 16.83 -1.90
C GLN A 590 6.61 17.21 -0.52
N ARG A 591 6.76 16.30 0.44
CA ARG A 591 6.31 16.55 1.81
C ARG A 591 7.22 17.54 2.53
N ILE A 592 8.51 17.53 2.19
CA ILE A 592 9.42 18.57 2.67
C ILE A 592 9.04 19.92 2.08
N LYS A 593 8.73 19.94 0.78
CA LYS A 593 8.18 21.15 0.16
C LYS A 593 6.94 21.67 0.87
N ARG A 594 6.05 20.76 1.29
CA ARG A 594 4.86 21.17 2.03
C ARG A 594 5.21 21.78 3.37
N ALA A 595 6.16 21.18 4.08
CA ALA A 595 6.60 21.76 5.35
C ALA A 595 7.05 23.20 5.10
N GLU A 596 7.85 23.41 4.06
CA GLU A 596 8.31 24.76 3.70
C GLU A 596 7.16 25.71 3.41
N SER A 597 6.22 25.30 2.57
CA SER A 597 5.12 26.18 2.19
C SER A 597 4.15 26.49 3.32
N ARG A 598 3.83 25.48 4.13
CA ARG A 598 2.93 25.66 5.28
C ARG A 598 3.52 26.65 6.30
N ILE A 599 4.83 26.54 6.52
CA ILE A 599 5.55 27.47 7.40
C ILE A 599 5.50 28.89 6.83
N GLU A 600 5.75 29.02 5.53
CA GLU A 600 5.70 30.33 4.84
C GLU A 600 4.34 31.01 4.94
N VAL A 601 3.28 30.24 4.72
CA VAL A 601 1.91 30.74 4.87
C VAL A 601 1.66 31.27 6.29
N TYR A 602 2.05 30.48 7.27
CA TYR A 602 1.93 30.87 8.66
C TYR A 602 2.76 32.13 8.96
N LEU A 603 4.00 32.16 8.46
CA LEU A 603 4.87 33.33 8.66
C LEU A 603 4.34 34.60 8.01
N ALA A 604 3.66 34.47 6.87
CA ALA A 604 3.04 35.61 6.19
C ALA A 604 1.72 36.04 6.85
N GLY A 605 1.44 35.48 8.02
CA GLY A 605 0.20 35.77 8.75
C GLY A 605 -1.09 35.30 8.10
N GLN A 606 -0.99 34.43 7.11
CA GLN A 606 -2.17 33.91 6.42
C GLN A 606 -2.73 32.63 7.04
N LEU A 607 -2.19 32.25 8.20
CA LEU A 607 -2.77 31.19 9.03
C LEU A 607 -2.65 31.56 10.51
N ASP A 608 -3.71 31.30 11.27
CA ASP A 608 -3.67 31.52 12.70
C ASP A 608 -2.84 30.43 13.40
N ARG A 609 -2.87 29.22 12.83
CA ARG A 609 -2.18 28.08 13.43
C ARG A 609 -1.81 27.08 12.34
N ILE A 610 -0.82 26.23 12.61
CA ILE A 610 -0.47 25.16 11.66
C ILE A 610 -1.01 23.87 12.31
N ASP A 611 -2.17 23.39 11.83
CA ASP A 611 -2.89 22.34 12.54
C ASP A 611 -2.07 21.08 12.78
N GLU A 612 -1.23 20.72 11.81
CA GLU A 612 -0.33 19.55 11.92
C GLU A 612 0.50 19.61 13.19
N LEU A 613 1.00 20.80 13.50
CA LEU A 613 1.91 20.99 14.63
C LEU A 613 1.18 21.01 15.97
N GLU A 614 -0.14 21.15 15.94
CA GLU A 614 -0.98 21.10 17.16
C GLU A 614 -1.31 19.68 17.65
N VAL A 615 -1.02 18.67 16.84
CA VAL A 615 -1.25 17.30 17.23
C VAL A 615 -0.05 16.82 18.07
N GLU A 616 -0.32 16.35 19.28
CA GLU A 616 0.72 15.77 20.13
C GLU A 616 1.15 14.39 19.61
N ILE A 617 2.46 14.18 19.55
CA ILE A 617 2.99 12.91 19.01
C ILE A 617 2.89 11.78 20.04
N LEU A 618 2.30 10.66 19.64
CA LEU A 618 2.23 9.47 20.47
C LEU A 618 3.36 8.51 20.05
N PRO A 619 3.68 7.53 20.92
CA PRO A 619 4.59 6.47 20.47
C PRO A 619 4.07 5.84 19.16
N PHE A 620 4.97 5.52 18.24
CA PHE A 620 4.55 4.86 16.98
C PHE A 620 4.18 3.39 17.22
N THR A 621 4.99 2.73 18.05
CA THR A 621 4.76 1.34 18.43
C THR A 621 5.31 1.09 19.84
N ASP A 622 4.70 0.13 20.53
CA ASP A 622 5.22 -0.27 21.84
C ASP A 622 6.02 -1.55 21.77
N PHE A 623 6.40 -1.98 20.56
CA PHE A 623 7.12 -3.24 20.41
C PHE A 623 8.30 -3.38 21.38
N TYR A 624 9.05 -2.30 21.57
CA TYR A 624 10.21 -2.30 22.44
C TYR A 624 10.02 -1.33 23.62
N ALA A 625 8.77 -1.08 24.00
CA ALA A 625 8.46 -0.08 25.02
C ALA A 625 9.05 -0.41 26.39
N ASP A 626 9.25 -1.70 26.65
CA ASP A 626 9.75 -2.18 27.95
C ASP A 626 11.28 -2.14 28.05
N LYS A 627 11.92 -1.73 26.96
CA LYS A 627 13.36 -1.63 26.89
C LYS A 627 13.83 -0.18 27.10
N ASP A 628 15.08 -0.04 27.52
CA ASP A 628 15.60 1.23 28.00
C ASP A 628 16.32 2.06 26.93
N PHE A 629 15.68 2.18 25.77
CA PHE A 629 16.17 3.03 24.68
C PHE A 629 14.91 3.48 23.93
N ALA A 630 15.03 4.52 23.12
CA ALA A 630 13.86 5.10 22.46
C ALA A 630 13.57 4.47 21.09
N ALA A 631 14.61 3.99 20.42
CA ALA A 631 14.48 3.48 19.05
C ALA A 631 13.57 2.25 19.00
N THR A 632 13.14 1.88 17.79
CA THR A 632 12.20 0.81 17.66
C THR A 632 12.37 0.15 16.29
N THR A 633 11.41 -0.68 15.92
CA THR A 633 11.39 -1.28 14.61
C THR A 633 10.16 -0.74 13.86
N ALA A 634 10.38 -0.26 12.64
CA ALA A 634 9.28 0.24 11.83
C ALA A 634 9.67 0.01 10.38
N ASN A 635 9.06 -0.97 9.74
CA ASN A 635 9.60 -1.44 8.47
C ASN A 635 8.58 -1.56 7.36
N GLN A 636 7.53 -0.75 7.40
CA GLN A 636 6.67 -0.61 6.24
C GLN A 636 6.66 0.84 5.81
N TRP A 637 7.10 1.11 4.57
CA TRP A 637 7.22 2.48 4.08
C TRP A 637 5.91 3.24 4.29
N HIS A 638 4.80 2.62 3.91
CA HIS A 638 3.52 3.33 3.89
C HIS A 638 3.00 3.75 5.26
N THR A 639 3.41 3.04 6.31
CA THR A 639 3.08 3.47 7.67
C THR A 639 4.13 4.37 8.31
N ILE A 640 5.35 4.34 7.81
CA ILE A 640 6.37 5.31 8.21
C ILE A 640 6.00 6.72 7.72
N ALA A 641 5.50 6.80 6.48
CA ALA A 641 5.44 8.07 5.75
C ALA A 641 4.19 8.89 6.06
N THR A 642 3.14 8.23 6.54
CA THR A 642 1.87 8.91 6.76
C THR A 642 0.96 8.12 7.70
N ALA A 643 0.21 8.86 8.53
CA ALA A 643 -0.90 8.31 9.32
C ALA A 643 -2.19 8.19 8.49
N SER A 644 -2.19 8.76 7.28
CA SER A 644 -3.38 8.77 6.43
C SER A 644 -3.52 7.41 5.76
N THR A 645 -4.65 7.17 5.10
CA THR A 645 -4.76 5.97 4.28
C THR A 645 -3.97 6.19 2.99
N ILE A 646 -3.28 5.16 2.53
CA ILE A 646 -2.64 5.26 1.23
C ILE A 646 -2.87 3.99 0.41
N TYR A 647 -2.94 2.85 1.07
CA TYR A 647 -3.11 1.57 0.36
C TYR A 647 -4.56 1.12 0.23
N THR A 648 -5.34 1.35 1.29
CA THR A 648 -6.71 0.87 1.31
C THR A 648 -7.65 1.68 0.42
N THR A 649 -8.77 1.05 0.03
CA THR A 649 -9.85 1.74 -0.67
C THR A 649 -10.77 2.45 0.33
N VAL B 25 -37.43 42.46 -0.32
CA VAL B 25 -38.46 41.42 -0.04
C VAL B 25 -39.06 41.56 1.36
N ARG B 26 -40.40 41.65 1.42
CA ARG B 26 -41.12 41.66 2.68
C ARG B 26 -41.85 40.33 2.95
N PHE B 27 -41.65 39.82 4.16
CA PHE B 27 -42.23 38.55 4.55
C PHE B 27 -43.18 38.73 5.73
N THR B 28 -44.25 37.96 5.74
CA THR B 28 -45.01 37.77 6.98
C THR B 28 -45.05 36.30 7.38
N GLY B 29 -45.09 36.04 8.68
CA GLY B 29 -45.31 34.70 9.21
C GLY B 29 -44.03 33.96 9.60
N LEU B 30 -42.89 34.64 9.51
CA LEU B 30 -41.59 34.01 9.78
C LEU B 30 -41.26 34.08 11.25
N SER B 31 -40.57 33.06 11.76
CA SER B 31 -40.01 33.08 13.10
C SER B 31 -38.66 33.77 13.08
N LEU B 32 -38.08 33.95 14.26
CA LEU B 32 -36.73 34.50 14.34
C LEU B 32 -35.77 33.54 13.64
N LYS B 33 -35.98 32.26 13.88
CA LYS B 33 -35.16 31.19 13.33
C LYS B 33 -35.16 31.25 11.79
N GLN B 34 -36.36 31.30 11.23
CA GLN B 34 -36.53 31.38 9.79
C GLN B 34 -35.98 32.67 9.18
N THR B 35 -36.14 33.80 9.89
CA THR B 35 -35.59 35.08 9.41
C THR B 35 -34.08 35.01 9.27
N GLN B 36 -33.42 34.50 10.31
CA GLN B 36 -31.97 34.36 10.29
C GLN B 36 -31.48 33.41 9.21
N ALA B 37 -32.19 32.29 9.04
CA ALA B 37 -31.85 31.32 7.99
C ALA B 37 -31.94 31.96 6.61
N ILE B 38 -33.04 32.67 6.34
CA ILE B 38 -33.17 33.37 5.06
C ILE B 38 -32.05 34.39 4.83
N GLU B 39 -31.63 35.07 5.89
CA GLU B 39 -30.53 36.02 5.80
C GLU B 39 -29.25 35.33 5.31
N VAL B 40 -28.97 34.15 5.86
CA VAL B 40 -27.84 33.34 5.40
C VAL B 40 -27.99 32.95 3.94
N LEU B 41 -29.18 32.47 3.59
CA LEU B 41 -29.43 31.98 2.24
C LEU B 41 -29.39 33.09 1.15
N LYS B 42 -29.47 34.35 1.57
CA LYS B 42 -29.23 35.46 0.64
C LYS B 42 -27.81 35.42 0.07
N GLY B 43 -26.91 34.75 0.79
CA GLY B 43 -25.58 34.44 0.25
C GLY B 43 -25.62 33.61 -1.03
N HIS B 44 -26.75 32.96 -1.29
CA HIS B 44 -26.87 32.04 -2.44
C HIS B 44 -27.88 32.48 -3.47
N ILE B 45 -29.04 32.95 -2.99
CA ILE B 45 -30.16 33.27 -3.89
C ILE B 45 -30.54 34.75 -3.78
N SER B 46 -31.05 35.29 -4.88
CA SER B 46 -31.50 36.68 -4.95
C SER B 46 -33.02 36.74 -4.80
N LEU B 47 -33.48 37.23 -3.66
CA LEU B 47 -34.92 37.32 -3.40
C LEU B 47 -35.49 38.56 -4.11
N PRO B 48 -36.50 38.37 -4.97
CA PRO B 48 -37.03 39.51 -5.74
C PRO B 48 -37.88 40.44 -4.86
N ASP B 49 -38.19 41.62 -5.41
CA ASP B 49 -38.92 42.64 -4.67
C ASP B 49 -40.42 42.32 -4.65
N VAL B 50 -40.82 41.41 -3.77
CA VAL B 50 -42.23 40.99 -3.67
C VAL B 50 -42.63 40.73 -2.22
N GLU B 51 -43.93 40.58 -2.00
CA GLU B 51 -44.44 40.29 -0.67
C GLU B 51 -44.84 38.82 -0.56
N VAL B 52 -44.42 38.17 0.52
CA VAL B 52 -44.65 36.75 0.66
C VAL B 52 -45.23 36.44 2.03
N ALA B 53 -46.37 35.78 2.03
CA ALA B 53 -47.02 35.32 3.26
C ALA B 53 -46.72 33.84 3.46
N VAL B 54 -46.04 33.54 4.57
CA VAL B 54 -45.57 32.18 4.87
C VAL B 54 -46.35 31.55 6.03
N THR B 55 -46.89 30.35 5.80
CA THR B 55 -47.49 29.53 6.86
C THR B 55 -47.19 28.04 6.68
N GLN B 56 -47.24 27.27 7.77
CA GLN B 56 -47.17 25.81 7.67
C GLN B 56 -48.54 25.30 7.20
N SER B 57 -48.55 24.32 6.29
CA SER B 57 -49.80 23.64 5.95
C SER B 57 -49.55 22.20 5.53
N ASP B 58 -50.46 21.32 5.91
CA ASP B 58 -50.38 19.91 5.57
C ASP B 58 -50.82 19.60 4.13
N GLN B 59 -51.31 20.61 3.40
CA GLN B 59 -51.91 20.39 2.08
C GLN B 59 -50.87 19.87 1.06
N ALA B 60 -49.63 20.29 1.21
CA ALA B 60 -48.58 19.88 0.27
C ALA B 60 -47.23 19.96 0.94
N SER B 61 -46.22 19.33 0.36
CA SER B 61 -44.86 19.57 0.83
C SER B 61 -44.56 21.05 0.63
N ILE B 62 -44.85 21.55 -0.58
CA ILE B 62 -44.67 22.97 -0.90
C ILE B 62 -45.84 23.47 -1.74
N SER B 63 -46.36 24.64 -1.38
CA SER B 63 -47.34 25.32 -2.21
C SER B 63 -46.98 26.78 -2.34
N ILE B 64 -47.05 27.30 -3.56
CA ILE B 64 -46.89 28.73 -3.76
C ILE B 64 -47.95 29.19 -4.74
N GLU B 65 -48.65 30.26 -4.37
CA GLU B 65 -49.56 30.91 -5.32
C GLU B 65 -49.67 32.40 -5.07
N GLY B 66 -50.20 33.11 -6.05
CA GLY B 66 -50.32 34.55 -5.97
C GLY B 66 -49.96 35.19 -7.30
N GLU B 67 -49.99 36.51 -7.34
CA GLU B 67 -49.75 37.26 -8.56
C GLU B 67 -49.52 38.70 -8.17
N GLU B 68 -49.03 39.51 -9.11
CA GLU B 68 -48.81 40.93 -8.88
C GLU B 68 -48.13 41.24 -7.54
N GLY B 69 -47.03 40.55 -7.27
CA GLY B 69 -46.13 40.89 -6.16
C GLY B 69 -46.64 40.53 -4.77
N HIS B 70 -47.72 39.77 -4.71
CA HIS B 70 -48.23 39.25 -3.44
C HIS B 70 -48.35 37.73 -3.55
N TYR B 71 -47.65 36.99 -2.68
CA TYR B 71 -47.65 35.53 -2.77
C TYR B 71 -47.93 34.83 -1.43
N GLN B 72 -48.57 33.67 -1.53
CA GLN B 72 -48.79 32.84 -0.35
C GLN B 72 -47.97 31.57 -0.51
N LEU B 73 -47.11 31.33 0.48
CA LEU B 73 -46.17 30.22 0.42
C LEU B 73 -46.43 29.29 1.61
N THR B 74 -46.63 28.02 1.33
CA THR B 74 -46.79 27.07 2.44
C THR B 74 -45.81 25.91 2.34
N TYR B 75 -45.43 25.40 3.50
CA TYR B 75 -44.58 24.22 3.60
C TYR B 75 -45.23 23.22 4.57
N ARG B 76 -45.01 21.92 4.34
CA ARG B 76 -45.46 20.89 5.28
C ARG B 76 -44.49 20.76 6.46
N LYS B 77 -43.21 20.59 6.14
CA LYS B 77 -42.14 20.43 7.13
C LYS B 77 -41.28 21.70 7.11
N PRO B 78 -40.84 22.15 8.29
CA PRO B 78 -40.13 23.43 8.37
C PRO B 78 -38.96 23.61 7.40
N HIS B 79 -38.15 22.56 7.19
CA HIS B 79 -37.01 22.68 6.28
C HIS B 79 -37.45 23.01 4.86
N GLN B 80 -38.69 22.65 4.52
CA GLN B 80 -39.16 22.78 3.13
C GLN B 80 -39.43 24.23 2.73
N LEU B 81 -39.41 25.14 3.71
CA LEU B 81 -39.43 26.57 3.42
C LEU B 81 -38.30 26.95 2.46
N TYR B 82 -37.13 26.34 2.62
CA TYR B 82 -35.95 26.79 1.89
C TYR B 82 -35.95 26.37 0.40
N ARG B 83 -36.40 25.14 0.13
CA ARG B 83 -36.67 24.77 -1.27
C ARG B 83 -37.77 25.67 -1.86
N ALA B 84 -38.79 25.97 -1.07
CA ALA B 84 -39.89 26.83 -1.53
C ALA B 84 -39.38 28.19 -1.99
N LEU B 85 -38.45 28.76 -1.24
CA LEU B 85 -37.84 30.04 -1.60
C LEU B 85 -37.06 29.95 -2.92
N SER B 86 -36.32 28.85 -3.08
CA SER B 86 -35.60 28.61 -4.33
C SER B 86 -36.58 28.51 -5.51
N LEU B 87 -37.68 27.80 -5.30
CA LEU B 87 -38.72 27.63 -6.33
C LEU B 87 -39.33 28.98 -6.70
N LEU B 88 -39.57 29.80 -5.68
CA LEU B 88 -40.19 31.13 -5.84
C LEU B 88 -39.30 32.07 -6.62
N VAL B 89 -38.03 32.13 -6.26
CA VAL B 89 -37.08 32.98 -6.98
C VAL B 89 -37.08 32.56 -8.44
N THR B 90 -37.06 31.25 -8.66
CA THR B 90 -36.99 30.69 -10.00
C THR B 90 -38.19 31.13 -10.87
N VAL B 91 -39.40 30.88 -10.40
CA VAL B 91 -40.58 31.07 -11.23
C VAL B 91 -40.80 32.55 -11.57
N LEU B 92 -40.45 33.42 -10.62
CA LEU B 92 -40.74 34.85 -10.75
C LEU B 92 -39.80 35.52 -11.75
N ALA B 93 -38.70 34.86 -12.06
CA ALA B 93 -37.87 35.27 -13.18
C ALA B 93 -38.66 35.14 -14.47
N GLU B 94 -39.56 34.16 -14.52
CA GLU B 94 -40.27 33.81 -15.75
C GLU B 94 -41.67 34.41 -15.83
N ALA B 95 -42.35 34.53 -14.70
CA ALA B 95 -43.79 34.84 -14.70
C ALA B 95 -44.22 35.65 -13.48
N ASP B 96 -45.40 36.26 -13.58
CA ASP B 96 -45.99 37.01 -12.48
C ASP B 96 -46.90 36.12 -11.61
N LYS B 97 -47.81 35.39 -12.27
CA LYS B 97 -48.72 34.49 -11.58
C LYS B 97 -48.03 33.16 -11.31
N VAL B 98 -48.22 32.65 -10.10
CA VAL B 98 -47.56 31.41 -9.67
C VAL B 98 -48.61 30.41 -9.20
N GLU B 99 -48.47 29.17 -9.66
CA GLU B 99 -49.28 28.06 -9.15
C GLU B 99 -48.38 26.82 -9.00
N ILE B 100 -47.71 26.72 -7.86
CA ILE B 100 -46.79 25.62 -7.60
C ILE B 100 -47.34 24.75 -6.49
N GLU B 101 -47.29 23.43 -6.70
CA GLU B 101 -47.60 22.47 -5.65
C GLU B 101 -46.71 21.24 -5.82
N GLU B 102 -45.96 20.91 -4.78
CA GLU B 102 -45.13 19.72 -4.81
C GLU B 102 -45.50 18.80 -3.67
N GLN B 103 -45.51 17.50 -3.97
CA GLN B 103 -45.71 16.44 -2.97
C GLN B 103 -44.51 15.50 -3.03
N ALA B 104 -43.62 15.61 -2.06
CA ALA B 104 -42.38 14.83 -2.07
C ALA B 104 -42.67 13.35 -1.85
N ALA B 105 -41.98 12.48 -2.61
CA ALA B 105 -42.20 11.06 -2.47
C ALA B 105 -41.53 10.47 -1.23
N TYR B 106 -40.43 11.05 -0.79
CA TYR B 106 -39.71 10.45 0.34
C TYR B 106 -39.91 11.23 1.62
N GLU B 107 -40.17 10.51 2.71
CA GLU B 107 -40.28 11.14 4.03
C GLU B 107 -38.97 11.80 4.43
N ASP B 108 -37.86 11.17 4.05
CA ASP B 108 -36.54 11.78 4.27
C ASP B 108 -35.63 11.60 3.07
N LEU B 109 -34.90 12.66 2.75
CA LEU B 109 -33.89 12.64 1.71
C LEU B 109 -32.62 13.17 2.33
N ALA B 110 -31.57 12.34 2.30
CA ALA B 110 -30.31 12.63 2.97
C ALA B 110 -29.16 12.67 2.00
N TYR B 111 -28.16 13.47 2.35
CA TYR B 111 -26.84 13.38 1.70
C TYR B 111 -25.79 13.01 2.73
N MET B 112 -25.02 11.98 2.40
CA MET B 112 -23.93 11.48 3.25
C MET B 112 -22.54 11.77 2.63
N VAL B 113 -21.75 12.61 3.30
CA VAL B 113 -20.40 12.93 2.87
C VAL B 113 -19.40 11.94 3.47
N ASP B 114 -18.49 11.41 2.64
CA ASP B 114 -17.41 10.53 3.12
C ASP B 114 -16.34 11.42 3.77
N CYS B 115 -16.08 11.20 5.05
CA CYS B 115 -15.01 11.90 5.77
C CYS B 115 -13.98 10.91 6.30
N SER B 116 -13.83 9.79 5.61
CA SER B 116 -12.96 8.70 6.09
C SER B 116 -11.87 8.30 5.13
N ARG B 117 -11.89 8.85 3.92
CA ARG B 117 -10.97 8.39 2.89
C ARG B 117 -9.82 9.38 2.71
N ASN B 118 -9.60 10.19 3.75
CA ASN B 118 -8.52 11.19 3.88
C ASN B 118 -9.04 12.62 3.87
N ALA B 119 -10.16 12.83 3.21
CA ALA B 119 -10.76 14.15 3.09
C ALA B 119 -11.83 14.34 4.16
N VAL B 120 -11.53 15.17 5.15
CA VAL B 120 -12.49 15.43 6.23
C VAL B 120 -13.06 16.82 5.94
N LEU B 121 -14.36 16.88 5.61
CA LEU B 121 -14.99 18.16 5.28
C LEU B 121 -14.77 19.13 6.43
N ASN B 122 -14.23 20.32 6.14
CA ASN B 122 -14.02 21.31 7.21
C ASN B 122 -15.34 21.98 7.66
N VAL B 123 -15.31 22.59 8.83
CA VAL B 123 -16.57 23.07 9.39
C VAL B 123 -17.25 24.12 8.52
N ALA B 124 -16.45 25.04 7.97
CA ALA B 124 -16.96 26.10 7.11
C ALA B 124 -17.65 25.49 5.89
N SER B 125 -17.09 24.41 5.36
CA SER B 125 -17.64 23.79 4.16
C SER B 125 -18.88 22.95 4.45
N ALA B 126 -18.94 22.37 5.65
CA ALA B 126 -20.11 21.64 6.10
C ALA B 126 -21.28 22.62 6.16
N LYS B 127 -21.03 23.79 6.75
CA LYS B 127 -22.02 24.88 6.74
C LYS B 127 -22.48 25.25 5.30
N GLN B 128 -21.54 25.46 4.40
CA GLN B 128 -21.90 25.74 3.00
C GLN B 128 -22.76 24.61 2.43
N MET B 129 -22.36 23.38 2.69
CA MET B 129 -23.08 22.23 2.13
C MET B 129 -24.50 22.18 2.72
N ILE B 130 -24.62 22.47 4.01
CA ILE B 130 -25.94 22.46 4.65
C ILE B 130 -26.89 23.47 3.98
N GLU B 131 -26.36 24.66 3.70
CA GLU B 131 -27.13 25.76 3.11
C GLU B 131 -27.71 25.32 1.75
N ILE B 132 -26.85 24.67 0.98
CA ILE B 132 -27.23 24.21 -0.34
C ILE B 132 -28.24 23.05 -0.27
N LEU B 133 -28.02 22.12 0.66
CA LEU B 133 -28.96 21.01 0.84
C LEU B 133 -30.34 21.54 1.25
N ALA B 134 -30.37 22.56 2.09
CA ALA B 134 -31.65 23.16 2.50
C ALA B 134 -32.36 23.77 1.30
N LEU B 135 -31.64 24.50 0.45
CA LEU B 135 -32.23 25.12 -0.75
C LEU B 135 -32.76 24.03 -1.67
N MET B 136 -32.14 22.86 -1.62
CA MET B 136 -32.52 21.79 -2.55
C MET B 136 -33.74 21.02 -2.09
N GLY B 137 -33.87 20.88 -0.77
CA GLY B 137 -35.02 20.19 -0.17
C GLY B 137 -34.62 18.97 0.66
N TYR B 138 -33.32 18.75 0.86
CA TYR B 138 -32.85 17.66 1.72
C TYR B 138 -33.33 17.86 3.17
N SER B 139 -33.71 16.76 3.82
CA SER B 139 -34.13 16.80 5.22
C SER B 139 -33.00 16.49 6.20
N THR B 140 -31.96 15.84 5.68
CA THR B 140 -30.98 15.17 6.52
C THR B 140 -29.56 15.29 5.94
N PHE B 141 -28.60 15.57 6.82
CA PHE B 141 -27.17 15.64 6.47
C PHE B 141 -26.41 14.57 7.25
N GLU B 142 -25.47 13.87 6.60
CA GLU B 142 -24.79 12.75 7.25
C GLU B 142 -23.31 12.84 6.93
N LEU B 143 -22.49 12.43 7.90
CA LEU B 143 -21.05 12.33 7.73
C LEU B 143 -20.64 10.88 7.98
N TYR B 144 -19.89 10.31 7.06
CA TYR B 144 -19.37 8.94 7.21
C TYR B 144 -17.98 8.97 7.83
N MET B 145 -17.88 8.47 9.07
CA MET B 145 -16.67 8.57 9.87
C MET B 145 -16.32 7.21 10.45
N GLU B 146 -15.30 6.58 9.88
CA GLU B 146 -14.80 5.30 10.38
C GLU B 146 -14.06 5.54 11.68
N ASP B 147 -12.97 6.30 11.58
CA ASP B 147 -12.14 6.61 12.75
C ASP B 147 -12.01 8.12 12.93
N THR B 148 -12.78 8.88 12.16
CA THR B 148 -12.59 10.33 12.08
C THR B 148 -13.55 11.12 12.98
N TYR B 149 -13.78 10.59 14.17
CA TYR B 149 -14.34 11.36 15.26
C TYR B 149 -13.66 10.92 16.55
N GLN B 150 -13.47 11.86 17.46
CA GLN B 150 -12.65 11.59 18.63
C GLN B 150 -13.41 10.84 19.72
N ILE B 151 -12.73 9.91 20.36
CA ILE B 151 -13.29 9.18 21.50
C ILE B 151 -12.36 9.39 22.68
N GLU B 152 -12.89 9.98 23.76
CA GLU B 152 -12.08 10.26 24.94
C GLU B 152 -11.50 8.96 25.50
N GLY B 153 -10.20 8.93 25.73
CA GLY B 153 -9.54 7.71 26.21
C GLY B 153 -9.09 6.72 25.13
N GLN B 154 -9.23 7.10 23.86
CA GLN B 154 -8.75 6.27 22.74
C GLN B 154 -7.87 7.14 21.85
N PRO B 155 -6.67 7.51 22.33
CA PRO B 155 -5.93 8.57 21.64
C PRO B 155 -5.48 8.22 20.20
N TYR B 156 -5.46 6.94 19.85
CA TYR B 156 -5.05 6.52 18.50
C TYR B 156 -6.19 6.51 17.49
N PHE B 157 -7.42 6.59 18.00
CA PHE B 157 -8.63 6.60 17.15
C PHE B 157 -8.76 7.96 16.48
N GLY B 158 -8.40 8.04 15.19
CA GLY B 158 -8.42 9.33 14.46
C GLY B 158 -7.13 10.15 14.55
N TYR B 159 -6.06 9.51 15.02
CA TYR B 159 -4.79 10.18 15.31
C TYR B 159 -4.16 10.64 14.00
N PHE B 160 -3.88 11.95 13.91
CA PHE B 160 -3.34 12.59 12.71
C PHE B 160 -4.30 12.48 11.51
N ARG B 161 -5.57 12.19 11.75
CA ARG B 161 -6.55 12.06 10.67
C ARG B 161 -7.49 13.27 10.55
N GLY B 162 -7.35 14.24 11.46
CA GLY B 162 -8.29 15.34 11.49
C GLY B 162 -9.64 14.91 12.03
N ALA B 163 -9.66 13.87 12.87
CA ALA B 163 -10.91 13.45 13.53
C ALA B 163 -11.68 14.64 14.10
N TYR B 164 -12.98 14.70 13.82
CA TYR B 164 -13.85 15.72 14.41
C TYR B 164 -13.86 15.56 15.93
N SER B 165 -13.73 16.68 16.62
CA SER B 165 -14.04 16.75 18.05
C SER B 165 -15.55 16.60 18.25
N ALA B 166 -15.94 16.27 19.48
CA ALA B 166 -17.37 16.30 19.85
C ALA B 166 -17.96 17.67 19.55
N GLU B 167 -17.22 18.72 19.89
CA GLU B 167 -17.69 20.09 19.71
C GLU B 167 -17.91 20.42 18.24
N GLU B 168 -16.99 19.97 17.39
CA GLU B 168 -17.16 20.20 15.95
C GLU B 168 -18.40 19.50 15.41
N LEU B 169 -18.61 18.25 15.80
CA LEU B 169 -19.84 17.55 15.41
C LEU B 169 -21.08 18.27 15.92
N GLN B 170 -21.04 18.74 17.16
CA GLN B 170 -22.16 19.50 17.70
C GLN B 170 -22.43 20.76 16.90
N GLU B 171 -21.36 21.47 16.52
CA GLU B 171 -21.49 22.73 15.80
C GLU B 171 -22.11 22.49 14.42
N ILE B 172 -21.62 21.47 13.73
CA ILE B 172 -22.21 21.10 12.44
C ILE B 172 -23.68 20.73 12.59
N GLU B 173 -24.01 19.91 13.57
CA GLU B 173 -25.40 19.49 13.75
C GLU B 173 -26.28 20.71 14.05
N ALA B 174 -25.78 21.58 14.93
CA ALA B 174 -26.51 22.80 15.31
C ALA B 174 -26.75 23.69 14.11
N TYR B 175 -25.74 23.81 13.24
CA TYR B 175 -25.92 24.55 12.01
C TYR B 175 -27.03 23.96 11.14
N ALA B 176 -27.00 22.65 10.91
CA ALA B 176 -28.11 21.96 10.22
C ALA B 176 -29.47 22.29 10.86
N GLN B 177 -29.53 22.21 12.19
CA GLN B 177 -30.78 22.50 12.90
C GLN B 177 -31.29 23.92 12.63
N GLN B 178 -30.40 24.85 12.29
CA GLN B 178 -30.79 26.23 12.05
C GLN B 178 -31.74 26.27 10.85
N PHE B 179 -31.65 25.23 10.04
CA PHE B 179 -32.42 25.11 8.80
C PHE B 179 -33.46 23.99 8.91
N ASP B 180 -33.64 23.50 10.13
CA ASP B 180 -34.51 22.35 10.40
C ASP B 180 -34.11 21.09 9.64
N VAL B 181 -32.81 20.94 9.41
CA VAL B 181 -32.23 19.75 8.81
C VAL B 181 -31.67 18.89 9.94
N THR B 182 -31.88 17.58 9.86
CA THR B 182 -31.42 16.68 10.91
C THR B 182 -30.04 16.12 10.55
N PHE B 183 -29.31 15.67 11.57
CA PHE B 183 -27.97 15.11 11.38
C PHE B 183 -27.99 13.62 11.70
N VAL B 184 -27.28 12.82 10.89
CA VAL B 184 -27.13 11.40 11.18
C VAL B 184 -25.67 11.01 10.98
N PRO B 185 -24.99 10.61 12.08
CA PRO B 185 -23.60 10.10 11.91
C PRO B 185 -23.62 8.68 11.31
N CYS B 186 -22.74 8.44 10.34
CA CYS B 186 -22.53 7.09 9.82
C CYS B 186 -21.16 6.62 10.28
N ILE B 187 -21.14 5.57 11.10
CA ILE B 187 -19.92 5.07 11.71
C ILE B 187 -19.69 3.59 11.37
N GLN B 188 -18.65 3.00 11.95
CA GLN B 188 -18.39 1.57 11.77
C GLN B 188 -18.19 0.93 13.13
N THR B 189 -18.94 -0.15 13.37
CA THR B 189 -18.91 -0.83 14.66
C THR B 189 -18.27 -2.22 14.59
N LEU B 190 -17.81 -2.62 13.39
CA LEU B 190 -17.11 -3.89 13.23
C LEU B 190 -15.88 -3.87 12.33
N ALA B 191 -16.04 -3.48 11.08
CA ALA B 191 -14.95 -3.56 10.10
C ALA B 191 -14.76 -2.17 9.50
N HIS B 192 -13.94 -2.06 8.46
CA HIS B 192 -13.61 -0.77 7.86
C HIS B 192 -13.05 0.22 8.87
N LEU B 193 -12.17 -0.26 9.75
CA LEU B 193 -11.47 0.63 10.67
C LEU B 193 -9.97 0.60 10.44
N SER B 194 -9.58 0.43 9.17
CA SER B 194 -8.17 0.19 8.82
C SER B 194 -7.22 1.25 9.36
N ALA B 195 -7.64 2.52 9.36
CA ALA B 195 -6.76 3.63 9.73
C ALA B 195 -6.49 3.65 11.23
N PHE B 196 -7.37 3.01 12.00
CA PHE B 196 -7.22 2.91 13.44
C PHE B 196 -6.44 1.65 13.82
N VAL B 197 -6.83 0.51 13.27
CA VAL B 197 -6.26 -0.78 13.71
C VAL B 197 -4.82 -1.01 13.28
N LYS B 198 -4.29 -0.16 12.40
CA LYS B 198 -2.90 -0.28 11.99
C LYS B 198 -1.92 0.03 13.14
N TRP B 199 -2.35 0.77 14.16
CA TRP B 199 -1.43 1.26 15.20
C TRP B 199 -0.85 0.15 16.09
N GLY B 200 0.47 0.01 16.07
CA GLY B 200 1.15 -1.15 16.66
C GLY B 200 1.37 -0.99 18.15
N VAL B 201 0.30 -0.73 18.89
CA VAL B 201 0.36 -0.66 20.34
C VAL B 201 -0.66 -1.62 20.95
N LYS B 202 -0.39 -2.11 22.16
CA LYS B 202 -1.23 -3.14 22.77
C LYS B 202 -2.70 -2.75 22.79
N GLU B 203 -2.96 -1.48 23.10
CA GLU B 203 -4.31 -0.99 23.34
C GLU B 203 -5.12 -1.00 22.05
N VAL B 204 -4.43 -1.07 20.92
CA VAL B 204 -5.11 -1.18 19.63
C VAL B 204 -5.10 -2.63 19.13
N GLN B 205 -3.94 -3.27 19.19
CA GLN B 205 -3.81 -4.63 18.65
C GLN B 205 -4.70 -5.68 19.32
N GLU B 206 -4.95 -5.51 20.62
CA GLU B 206 -5.85 -6.41 21.36
C GLU B 206 -7.31 -6.31 20.91
N LEU B 207 -7.62 -5.29 20.12
CA LEU B 207 -8.98 -5.10 19.58
C LEU B 207 -9.21 -5.76 18.21
N ARG B 208 -8.19 -6.42 17.67
CA ARG B 208 -8.18 -6.86 16.26
C ARG B 208 -8.45 -8.33 16.03
N ASP B 209 -9.22 -8.62 14.98
CA ASP B 209 -9.37 -9.99 14.49
C ASP B 209 -8.36 -10.16 13.36
N VAL B 210 -8.56 -9.44 12.26
CA VAL B 210 -7.69 -9.49 11.08
C VAL B 210 -8.02 -8.34 10.15
N GLU B 211 -7.03 -7.88 9.39
CA GLU B 211 -7.19 -6.77 8.44
C GLU B 211 -7.87 -5.60 9.13
N ASP B 212 -9.04 -5.17 8.62
CA ASP B 212 -9.74 -3.97 9.12
C ASP B 212 -10.86 -4.28 10.13
N ILE B 213 -10.85 -5.50 10.67
CA ILE B 213 -11.97 -6.06 11.46
C ILE B 213 -11.65 -6.14 12.95
N LEU B 214 -12.57 -5.62 13.79
CA LEU B 214 -12.45 -5.75 15.24
C LEU B 214 -12.77 -7.18 15.72
N LEU B 215 -12.31 -7.49 16.92
CA LEU B 215 -12.38 -8.84 17.49
C LEU B 215 -13.67 -9.04 18.24
N ILE B 216 -14.58 -9.79 17.62
CA ILE B 216 -15.87 -10.09 18.24
C ILE B 216 -15.64 -10.88 19.51
N GLY B 217 -16.36 -10.52 20.57
CA GLY B 217 -16.25 -11.26 21.83
C GLY B 217 -15.25 -10.68 22.82
N GLU B 218 -14.44 -9.72 22.36
CA GLU B 218 -13.43 -9.14 23.24
C GLU B 218 -14.03 -7.98 24.02
N GLU B 219 -14.01 -8.06 25.34
CA GLU B 219 -14.65 -6.99 26.12
C GLU B 219 -14.10 -5.59 25.85
N LYS B 220 -12.81 -5.48 25.54
CA LYS B 220 -12.22 -4.19 25.25
C LYS B 220 -12.76 -3.59 23.95
N VAL B 221 -13.18 -4.45 23.04
CA VAL B 221 -13.89 -4.01 21.84
C VAL B 221 -15.23 -3.35 22.19
N TYR B 222 -16.01 -3.99 23.07
CA TYR B 222 -17.27 -3.36 23.50
C TYR B 222 -17.05 -2.09 24.32
N ASP B 223 -15.90 -1.98 24.99
CA ASP B 223 -15.50 -0.73 25.68
C ASP B 223 -15.29 0.39 24.65
N LEU B 224 -14.63 0.06 23.55
CA LEU B 224 -14.42 1.00 22.46
C LEU B 224 -15.76 1.45 21.87
N ILE B 225 -16.63 0.49 21.55
CA ILE B 225 -17.95 0.79 20.97
C ILE B 225 -18.80 1.61 21.93
N ASP B 226 -18.77 1.27 23.22
CA ASP B 226 -19.38 2.15 24.19
C ASP B 226 -18.83 3.58 24.09
N GLY B 227 -17.51 3.71 23.97
CA GLY B 227 -16.87 5.01 23.73
C GLY B 227 -17.41 5.73 22.49
N MET B 228 -17.63 4.98 21.41
CA MET B 228 -18.18 5.60 20.20
C MET B 228 -19.53 6.26 20.52
N PHE B 229 -20.39 5.54 21.23
CA PHE B 229 -21.75 6.04 21.49
C PHE B 229 -21.76 7.15 22.53
N ALA B 230 -20.78 7.09 23.43
CA ALA B 230 -20.57 8.16 24.40
C ALA B 230 -20.28 9.47 23.69
N THR B 231 -19.44 9.41 22.66
CA THR B 231 -19.19 10.58 21.84
C THR B 231 -20.45 11.03 21.10
N LEU B 232 -21.11 10.11 20.40
CA LEU B 232 -22.26 10.51 19.61
C LEU B 232 -23.43 10.99 20.46
N SER B 233 -23.51 10.52 21.70
CA SER B 233 -24.62 10.93 22.57
C SER B 233 -24.55 12.42 22.94
N LYS B 234 -23.40 13.06 22.66
CA LYS B 234 -23.26 14.49 22.82
C LYS B 234 -24.11 15.24 21.78
N LEU B 235 -24.53 14.54 20.73
CA LEU B 235 -25.39 15.14 19.71
C LEU B 235 -26.84 15.16 20.19
N LYS B 236 -27.67 15.98 19.54
CA LYS B 236 -29.13 15.91 19.72
C LYS B 236 -29.71 14.67 19.05
N THR B 237 -29.27 14.43 17.81
CA THR B 237 -29.80 13.28 17.07
C THR B 237 -29.67 11.96 17.85
N ARG B 238 -30.66 11.08 17.67
CA ARG B 238 -30.59 9.73 18.19
C ARG B 238 -30.80 8.71 17.06
N LYS B 239 -30.39 9.10 15.86
CA LYS B 239 -30.41 8.23 14.69
C LYS B 239 -28.97 8.06 14.20
N VAL B 240 -28.54 6.82 14.01
CA VAL B 240 -27.17 6.49 13.64
C VAL B 240 -27.13 5.35 12.64
N ASN B 241 -26.22 5.43 11.66
CA ASN B 241 -25.92 4.28 10.82
C ASN B 241 -24.64 3.61 11.34
N ILE B 242 -24.77 2.36 11.78
CA ILE B 242 -23.71 1.67 12.54
C ILE B 242 -22.80 0.83 11.64
N GLY B 243 -23.04 0.87 10.34
CA GLY B 243 -22.20 0.15 9.38
C GLY B 243 -22.57 -1.32 9.30
N MET B 244 -21.66 -2.18 9.75
CA MET B 244 -21.98 -3.59 9.97
C MET B 244 -22.24 -4.38 8.71
N ASP B 245 -21.54 -4.05 7.64
CA ASP B 245 -21.63 -4.90 6.46
C ASP B 245 -20.94 -6.23 6.78
N GLU B 246 -21.12 -7.24 5.93
CA GLU B 246 -20.49 -8.54 6.17
C GLU B 246 -19.11 -8.62 5.50
N ALA B 247 -18.06 -8.42 6.29
CA ALA B 247 -16.68 -8.57 5.84
C ALA B 247 -16.31 -10.06 5.85
N HIS B 248 -15.74 -10.56 4.74
CA HIS B 248 -15.53 -12.00 4.56
C HIS B 248 -14.72 -12.66 5.68
N LEU B 249 -13.73 -11.96 6.21
CA LEU B 249 -12.78 -12.59 7.10
C LEU B 249 -13.13 -12.48 8.58
N VAL B 250 -14.31 -11.96 8.88
CA VAL B 250 -14.80 -11.95 10.27
C VAL B 250 -14.78 -13.35 10.88
N GLY B 251 -14.14 -13.47 12.03
CA GLY B 251 -14.01 -14.77 12.72
C GLY B 251 -12.85 -15.62 12.25
N LEU B 252 -12.10 -15.15 11.26
CA LEU B 252 -11.13 -16.01 10.56
C LEU B 252 -9.67 -15.67 10.87
N GLY B 253 -9.44 -14.67 11.72
CA GLY B 253 -8.10 -14.21 12.06
C GLY B 253 -7.68 -14.61 13.46
N ARG B 254 -7.35 -13.64 14.30
CA ARG B 254 -7.10 -13.90 15.71
C ARG B 254 -8.32 -14.49 16.41
N TYR B 255 -9.51 -14.28 15.85
CA TYR B 255 -10.69 -14.96 16.37
C TYR B 255 -10.58 -16.48 16.23
N LEU B 256 -10.24 -16.93 15.03
CA LEU B 256 -10.08 -18.36 14.77
C LEU B 256 -9.02 -19.01 15.66
N ILE B 257 -7.89 -18.33 15.80
CA ILE B 257 -6.80 -18.81 16.64
C ILE B 257 -7.22 -18.90 18.11
N LEU B 258 -7.95 -17.91 18.60
CA LEU B 258 -8.37 -17.90 20.00
C LEU B 258 -9.54 -18.83 20.29
N ASN B 259 -10.43 -19.01 19.32
CA ASN B 259 -11.76 -19.57 19.64
C ASN B 259 -12.18 -20.77 18.83
N GLY B 260 -11.38 -21.13 17.83
CA GLY B 260 -11.74 -22.19 16.89
C GLY B 260 -12.76 -21.73 15.88
N VAL B 261 -13.32 -22.69 15.14
CA VAL B 261 -14.33 -22.41 14.10
C VAL B 261 -15.70 -22.13 14.69
N VAL B 262 -16.32 -21.04 14.24
CA VAL B 262 -17.69 -20.69 14.61
C VAL B 262 -18.45 -20.37 13.31
N ASP B 263 -19.76 -20.64 13.29
CA ASP B 263 -20.60 -20.10 12.24
C ASP B 263 -20.41 -18.59 12.25
N ARG B 264 -19.95 -18.03 11.14
CA ARG B 264 -19.55 -16.64 11.11
C ARG B 264 -20.74 -15.69 10.94
N SER B 265 -21.83 -16.21 10.39
CA SER B 265 -23.09 -15.48 10.45
C SER B 265 -23.59 -15.39 11.89
N LEU B 266 -23.43 -16.47 12.66
CA LEU B 266 -23.80 -16.49 14.06
C LEU B 266 -22.93 -15.51 14.87
N LEU B 267 -21.68 -15.36 14.42
CA LEU B 267 -20.76 -14.46 15.08
C LEU B 267 -21.19 -13.01 14.86
N MET B 268 -21.57 -12.71 13.61
CA MET B 268 -22.15 -11.42 13.23
C MET B 268 -23.32 -11.09 14.14
N CYS B 269 -24.15 -12.11 14.42
CA CYS B 269 -25.35 -11.95 15.22
C CYS B 269 -25.02 -11.59 16.66
N GLN B 270 -24.05 -12.30 17.23
CA GLN B 270 -23.61 -12.04 18.60
C GLN B 270 -23.07 -10.64 18.75
N HIS B 271 -22.28 -10.21 17.78
CA HIS B 271 -21.68 -8.89 17.82
C HIS B 271 -22.76 -7.83 17.60
N LEU B 272 -23.62 -8.02 16.61
CA LEU B 272 -24.72 -7.08 16.38
C LEU B 272 -25.58 -6.88 17.62
N GLU B 273 -25.88 -7.97 18.34
CA GLU B 273 -26.69 -7.83 19.55
C GLU B 273 -26.05 -6.91 20.59
N ARG B 274 -24.76 -7.11 20.82
CA ARG B 274 -24.01 -6.29 21.78
C ARG B 274 -24.02 -4.82 21.34
N VAL B 275 -23.82 -4.59 20.05
CA VAL B 275 -23.81 -3.21 19.55
C VAL B 275 -25.16 -2.54 19.75
N LEU B 276 -26.22 -3.25 19.40
CA LEU B 276 -27.58 -2.76 19.59
C LEU B 276 -27.94 -2.47 21.05
N ASP B 277 -27.48 -3.33 21.94
CA ASP B 277 -27.62 -3.14 23.38
C ASP B 277 -26.95 -1.87 23.85
N ILE B 278 -25.72 -1.62 23.37
CA ILE B 278 -25.03 -0.37 23.65
C ILE B 278 -25.79 0.84 23.09
N ALA B 279 -26.27 0.73 21.85
CA ALA B 279 -27.02 1.82 21.23
C ALA B 279 -28.29 2.14 22.04
N ASP B 280 -28.98 1.07 22.48
CA ASP B 280 -30.18 1.20 23.33
C ASP B 280 -29.85 1.93 24.61
N LYS B 281 -28.72 1.57 25.22
CA LYS B 281 -28.25 2.23 26.43
C LYS B 281 -28.21 3.75 26.26
N TYR B 282 -27.80 4.19 25.09
CA TYR B 282 -27.66 5.62 24.82
C TYR B 282 -28.88 6.23 24.12
N GLY B 283 -29.93 5.44 23.89
CA GLY B 283 -31.16 5.94 23.27
C GLY B 283 -31.14 6.03 21.75
N PHE B 284 -30.13 5.44 21.11
CA PHE B 284 -30.03 5.51 19.64
C PHE B 284 -30.89 4.47 18.94
N HIS B 285 -31.36 4.83 17.75
CA HIS B 285 -32.05 3.90 16.87
C HIS B 285 -31.16 3.74 15.65
N CYS B 286 -30.94 2.51 15.22
CA CYS B 286 -29.85 2.23 14.29
C CYS B 286 -30.32 1.85 12.90
N GLN B 287 -29.61 2.36 11.90
CA GLN B 287 -29.66 1.77 10.57
C GLN B 287 -28.36 1.05 10.32
N MET B 288 -28.36 0.12 9.36
CA MET B 288 -27.14 -0.57 8.96
C MET B 288 -27.29 -1.05 7.52
N TRP B 289 -26.16 -1.32 6.85
CA TRP B 289 -26.24 -1.87 5.49
C TRP B 289 -26.89 -3.24 5.55
N SER B 290 -27.64 -3.62 4.52
CA SER B 290 -28.42 -4.85 4.54
C SER B 290 -27.58 -6.12 4.35
N ASP B 291 -26.30 -5.93 4.01
CA ASP B 291 -25.40 -7.01 3.59
C ASP B 291 -25.47 -8.31 4.40
N MET B 292 -25.38 -8.21 5.72
CA MET B 292 -25.25 -9.42 6.54
C MET B 292 -26.51 -10.28 6.54
N PHE B 293 -27.65 -9.70 6.13
CA PHE B 293 -28.90 -10.42 6.03
C PHE B 293 -29.16 -11.01 4.64
N PHE B 294 -28.39 -10.59 3.64
CA PHE B 294 -28.55 -11.08 2.26
C PHE B 294 -28.65 -12.62 2.15
N LYS B 295 -27.91 -13.33 3.00
CA LYS B 295 -27.89 -14.80 3.00
C LYS B 295 -27.21 -15.36 1.74
N PRO B 310 -27.91 -22.56 8.68
CA PRO B 310 -28.14 -23.11 10.02
C PRO B 310 -29.35 -22.46 10.67
N GLU B 311 -30.21 -23.28 11.25
CA GLU B 311 -31.47 -22.82 11.80
C GLU B 311 -31.28 -21.96 13.05
N GLU B 312 -30.19 -22.24 13.78
CA GLU B 312 -29.80 -21.40 14.90
C GLU B 312 -29.55 -19.98 14.44
N THR B 313 -28.97 -19.86 13.25
CA THR B 313 -28.61 -18.56 12.67
C THR B 313 -29.85 -17.84 12.13
N ARG B 314 -30.69 -18.55 11.39
CA ARG B 314 -31.93 -17.95 10.86
C ARG B 314 -32.73 -17.25 11.96
N VAL B 315 -32.90 -17.91 13.11
CA VAL B 315 -33.68 -17.35 14.22
C VAL B 315 -33.00 -16.10 14.82
N TYR B 316 -31.69 -16.16 14.94
CA TYR B 316 -30.93 -15.05 15.50
C TYR B 316 -31.05 -13.84 14.59
N LEU B 317 -30.85 -14.05 13.29
CA LEU B 317 -30.99 -12.99 12.29
C LEU B 317 -32.37 -12.34 12.32
N ASP B 318 -33.41 -13.19 12.40
CA ASP B 318 -34.79 -12.73 12.40
C ASP B 318 -35.08 -11.83 13.61
N ARG B 319 -34.49 -12.18 14.76
CA ARG B 319 -34.64 -11.38 15.98
C ARG B 319 -34.02 -9.99 15.83
N LEU B 320 -32.79 -9.97 15.30
CA LEU B 320 -32.03 -8.73 15.21
C LEU B 320 -32.60 -7.76 14.17
N LYS B 321 -33.16 -8.31 13.09
CA LYS B 321 -33.76 -7.50 12.02
C LYS B 321 -34.90 -6.60 12.51
N ASP B 322 -35.56 -7.01 13.59
CA ASP B 322 -36.61 -6.24 14.25
C ASP B 322 -36.10 -4.98 14.93
N ARG B 323 -34.80 -4.90 15.18
CA ARG B 323 -34.24 -3.76 15.91
C ARG B 323 -33.50 -2.73 15.05
N VAL B 324 -33.47 -2.93 13.74
CA VAL B 324 -32.73 -2.03 12.87
C VAL B 324 -33.51 -1.72 11.62
N THR B 325 -33.19 -0.58 11.01
CA THR B 325 -33.57 -0.34 9.63
C THR B 325 -32.42 -0.78 8.74
N LEU B 326 -32.72 -1.60 7.74
CA LEU B 326 -31.71 -2.03 6.79
C LEU B 326 -31.62 -1.04 5.64
N VAL B 327 -30.39 -0.84 5.13
CA VAL B 327 -30.17 0.02 3.98
C VAL B 327 -29.65 -0.78 2.80
N TYR B 328 -30.44 -0.81 1.74
CA TYR B 328 -30.03 -1.45 0.51
C TYR B 328 -29.30 -0.39 -0.33
N TRP B 329 -28.01 -0.59 -0.54
CA TRP B 329 -27.20 0.37 -1.31
C TRP B 329 -26.94 -0.15 -2.71
N ASP B 330 -27.15 0.70 -3.71
CA ASP B 330 -26.89 0.34 -5.10
C ASP B 330 -26.62 1.61 -5.91
N TYR B 331 -25.43 1.67 -6.51
CA TYR B 331 -25.02 2.89 -7.22
C TYR B 331 -24.87 2.63 -8.71
N TYR B 332 -25.25 1.41 -9.14
CA TYR B 332 -24.76 0.84 -10.40
C TYR B 332 -25.81 0.54 -11.47
N GLN B 333 -27.04 0.22 -11.07
CA GLN B 333 -28.01 -0.36 -12.00
C GLN B 333 -28.62 0.66 -12.96
N ASP B 334 -28.81 0.27 -14.21
CA ASP B 334 -29.28 1.19 -15.24
C ASP B 334 -30.77 1.02 -15.55
N SER B 335 -31.46 0.19 -14.77
CA SER B 335 -32.86 -0.11 -15.05
C SER B 335 -33.69 -0.30 -13.79
N GLU B 336 -34.90 0.24 -13.80
CA GLU B 336 -35.82 0.07 -12.67
CA GLU B 336 -35.79 0.08 -12.67
C GLU B 336 -36.02 -1.41 -12.39
N GLU B 337 -36.11 -2.19 -13.46
CA GLU B 337 -36.34 -3.63 -13.35
C GLU B 337 -35.31 -4.31 -12.44
N LYS B 338 -34.04 -3.94 -12.60
CA LYS B 338 -32.96 -4.52 -11.80
C LYS B 338 -33.05 -4.09 -10.33
N TYR B 339 -33.36 -2.82 -10.08
CA TYR B 339 -33.59 -2.37 -8.70
C TYR B 339 -34.77 -3.10 -8.07
N ASN B 340 -35.84 -3.25 -8.86
CA ASN B 340 -37.08 -3.87 -8.39
C ASN B 340 -36.89 -5.30 -7.95
N ARG B 341 -36.08 -6.03 -8.71
CA ARG B 341 -35.69 -7.40 -8.34
C ARG B 341 -35.05 -7.41 -6.96
N ASN B 342 -34.10 -6.51 -6.74
CA ASN B 342 -33.37 -6.46 -5.48
C ASN B 342 -34.26 -6.01 -4.33
N PHE B 343 -35.18 -5.10 -4.61
CA PHE B 343 -36.20 -4.70 -3.62
C PHE B 343 -37.08 -5.86 -3.19
N ARG B 344 -37.62 -6.60 -4.16
CA ARG B 344 -38.39 -7.81 -3.86
C ARG B 344 -37.63 -8.76 -2.96
N ASN B 345 -36.38 -9.06 -3.32
CA ASN B 345 -35.52 -9.93 -2.52
C ASN B 345 -35.30 -9.42 -1.10
N HIS B 346 -35.02 -8.13 -0.97
CA HIS B 346 -34.89 -7.52 0.36
C HIS B 346 -36.18 -7.66 1.17
N HIS B 347 -37.31 -7.42 0.54
CA HIS B 347 -38.60 -7.50 1.24
C HIS B 347 -38.94 -8.93 1.72
N LYS B 348 -38.16 -9.92 1.27
CA LYS B 348 -38.24 -11.28 1.84
C LYS B 348 -37.56 -11.34 3.19
N ILE B 349 -36.79 -10.31 3.50
CA ILE B 349 -35.95 -10.25 4.71
C ILE B 349 -36.55 -9.29 5.72
N SER B 350 -36.91 -8.10 5.23
CA SER B 350 -37.44 -7.03 6.06
C SER B 350 -38.12 -6.00 5.20
N HIS B 351 -39.22 -5.43 5.68
CA HIS B 351 -39.82 -4.27 5.05
C HIS B 351 -39.34 -2.95 5.70
N ASP B 352 -38.54 -3.05 6.76
CA ASP B 352 -37.98 -1.85 7.41
C ASP B 352 -36.68 -1.53 6.69
N LEU B 353 -36.84 -0.80 5.59
CA LEU B 353 -35.79 -0.71 4.57
C LEU B 353 -35.67 0.73 4.06
N ALA B 354 -34.43 1.20 3.92
CA ALA B 354 -34.14 2.46 3.23
C ALA B 354 -33.23 2.15 2.03
N PHE B 355 -33.14 3.09 1.10
CA PHE B 355 -32.32 2.90 -0.10
C PHE B 355 -31.18 3.92 -0.12
N ALA B 356 -29.97 3.45 -0.41
CA ALA B 356 -28.83 4.37 -0.59
C ALA B 356 -28.46 4.43 -2.07
N GLY B 357 -28.59 5.62 -2.66
CA GLY B 357 -28.14 5.85 -4.03
C GLY B 357 -26.74 6.48 -4.00
N GLY B 358 -26.23 6.85 -5.18
CA GLY B 358 -24.83 7.30 -5.27
C GLY B 358 -24.61 8.57 -6.10
N ALA B 359 -23.94 9.55 -5.48
CA ALA B 359 -23.41 10.72 -6.17
C ALA B 359 -21.95 10.39 -6.45
N TRP B 360 -21.67 10.00 -7.69
CA TRP B 360 -20.38 9.43 -8.06
C TRP B 360 -19.24 10.42 -7.92
N LYS B 361 -18.53 10.33 -6.80
CA LYS B 361 -17.38 11.20 -6.55
C LYS B 361 -16.21 10.42 -5.93
N TRP B 362 -16.16 9.12 -6.22
CA TRP B 362 -15.14 8.24 -5.64
C TRP B 362 -14.18 7.60 -6.65
N ILE B 363 -14.06 8.17 -7.85
CA ILE B 363 -13.25 7.54 -8.89
C ILE B 363 -12.07 8.42 -9.30
N GLY B 364 -11.50 9.14 -8.34
CA GLY B 364 -10.26 9.86 -8.62
C GLY B 364 -10.37 11.33 -8.35
N PHE B 365 -10.20 12.12 -9.41
CA PHE B 365 -10.19 13.57 -9.28
C PHE B 365 -11.47 14.20 -9.77
N THR B 366 -12.24 13.44 -10.55
CA THR B 366 -13.32 13.97 -11.38
C THR B 366 -14.56 13.12 -11.10
N PRO B 367 -15.70 13.77 -10.82
CA PRO B 367 -16.91 13.04 -10.48
C PRO B 367 -17.57 12.47 -11.76
N HIS B 368 -18.70 11.79 -11.58
CA HIS B 368 -19.51 11.38 -12.74
C HIS B 368 -20.97 11.72 -12.48
N ASN B 369 -21.28 13.01 -12.51
CA ASN B 369 -22.65 13.48 -12.38
C ASN B 369 -23.57 12.88 -13.45
N HIS B 370 -23.04 12.72 -14.68
CA HIS B 370 -23.81 12.16 -15.79
C HIS B 370 -24.30 10.74 -15.46
N PHE B 371 -23.39 9.87 -15.05
CA PHE B 371 -23.76 8.51 -14.66
C PHE B 371 -24.69 8.53 -13.44
N SER B 372 -24.45 9.44 -12.50
CA SER B 372 -25.33 9.53 -11.33
C SER B 372 -26.75 9.90 -11.74
N ARG B 373 -26.87 10.73 -12.77
CA ARG B 373 -28.20 11.13 -13.24
C ARG B 373 -28.91 9.93 -13.86
N LEU B 374 -28.17 9.19 -14.68
CA LEU B 374 -28.72 7.98 -15.31
C LEU B 374 -29.33 7.01 -14.28
N VAL B 375 -28.55 6.67 -13.25
CA VAL B 375 -29.02 5.70 -12.26
C VAL B 375 -30.06 6.26 -11.30
N ALA B 376 -29.98 7.56 -11.01
CA ALA B 376 -30.98 8.21 -10.12
C ALA B 376 -32.37 8.09 -10.74
N ILE B 377 -32.46 8.32 -12.04
CA ILE B 377 -33.77 8.30 -12.69
C ILE B 377 -34.41 6.92 -12.52
N GLU B 378 -33.61 5.87 -12.69
CA GLU B 378 -34.13 4.50 -12.59
C GLU B 378 -34.38 4.09 -11.13
N ALA B 379 -33.44 4.44 -10.25
CA ALA B 379 -33.58 4.15 -8.82
C ALA B 379 -34.84 4.80 -8.26
N ASN B 380 -35.11 6.05 -8.63
CA ASN B 380 -36.29 6.75 -8.15
C ASN B 380 -37.56 5.98 -8.51
N LYS B 381 -37.63 5.52 -9.76
CA LYS B 381 -38.79 4.72 -10.21
C LYS B 381 -38.99 3.52 -9.29
N ALA B 382 -37.90 2.79 -9.02
CA ALA B 382 -37.98 1.59 -8.20
C ALA B 382 -38.29 1.87 -6.72
N CYS B 383 -37.74 2.95 -6.16
CA CYS B 383 -38.00 3.28 -4.75
C CYS B 383 -39.48 3.60 -4.57
N ARG B 384 -40.02 4.37 -5.51
CA ARG B 384 -41.44 4.71 -5.50
C ARG B 384 -42.34 3.48 -5.64
N ALA B 385 -41.98 2.56 -6.53
CA ALA B 385 -42.74 1.33 -6.74
C ALA B 385 -42.73 0.41 -5.52
N ASN B 386 -41.75 0.58 -4.64
CA ASN B 386 -41.60 -0.29 -3.49
C ASN B 386 -41.82 0.39 -2.15
N GLN B 387 -42.46 1.57 -2.18
CA GLN B 387 -42.89 2.29 -0.99
C GLN B 387 -41.72 2.67 -0.11
N ILE B 388 -40.55 2.90 -0.70
CA ILE B 388 -39.40 3.26 0.12
C ILE B 388 -39.64 4.64 0.72
N LYS B 389 -39.37 4.79 2.01
CA LYS B 389 -39.66 6.04 2.70
C LYS B 389 -38.45 6.98 2.81
N GLU B 390 -37.24 6.42 2.72
CA GLU B 390 -36.03 7.21 2.91
C GLU B 390 -34.98 6.85 1.88
N VAL B 391 -34.43 7.88 1.23
CA VAL B 391 -33.31 7.70 0.30
C VAL B 391 -32.10 8.45 0.87
N ILE B 392 -30.96 7.74 0.92
CA ILE B 392 -29.71 8.38 1.31
C ILE B 392 -28.82 8.43 0.08
N VAL B 393 -28.46 9.65 -0.35
CA VAL B 393 -27.50 9.81 -1.44
C VAL B 393 -26.11 9.78 -0.84
N THR B 394 -25.26 8.88 -1.34
CA THR B 394 -23.91 8.69 -0.79
C THR B 394 -22.84 9.37 -1.65
N GLY B 395 -21.90 10.03 -0.97
CA GLY B 395 -20.78 10.72 -1.60
C GLY B 395 -19.44 10.13 -1.18
N TRP B 396 -19.21 8.85 -1.50
CA TRP B 396 -17.97 8.15 -1.08
C TRP B 396 -16.74 8.82 -1.69
N GLY B 397 -15.58 8.64 -1.05
CA GLY B 397 -14.31 9.22 -1.56
C GLY B 397 -13.17 8.22 -1.76
N ASP B 398 -13.53 7.00 -2.17
CA ASP B 398 -12.60 5.87 -2.27
C ASP B 398 -11.15 6.21 -2.57
N ASN B 399 -10.23 5.65 -1.76
CA ASN B 399 -8.79 5.61 -2.11
C ASN B 399 -8.13 7.00 -2.15
N GLY B 400 -8.41 7.85 -1.16
CA GLY B 400 -7.67 9.11 -1.01
C GLY B 400 -8.48 10.40 -1.02
N GLY B 401 -9.76 10.33 -1.38
CA GLY B 401 -10.65 11.49 -1.36
C GLY B 401 -10.24 12.62 -2.30
N GLU B 402 -9.78 12.26 -3.50
CA GLU B 402 -9.20 13.25 -4.43
C GLU B 402 -10.24 14.06 -5.23
N THR B 403 -11.51 13.71 -5.16
CA THR B 403 -12.54 14.48 -5.88
C THR B 403 -13.09 15.56 -4.97
N ALA B 404 -13.37 16.73 -5.55
CA ALA B 404 -13.88 17.84 -4.75
C ALA B 404 -15.20 17.50 -4.08
N GLN B 405 -15.37 18.02 -2.87
CA GLN B 405 -16.58 17.80 -2.09
C GLN B 405 -17.81 18.42 -2.77
N PHE B 406 -17.62 19.54 -3.47
CA PHE B 406 -18.73 20.23 -4.09
C PHE B 406 -18.88 19.88 -5.56
N SER B 407 -18.18 18.84 -5.99
CA SER B 407 -18.20 18.42 -7.40
C SER B 407 -19.53 17.83 -7.83
N ILE B 408 -20.35 17.42 -6.87
CA ILE B 408 -21.54 16.62 -7.17
C ILE B 408 -22.85 17.35 -6.91
N LEU B 409 -22.80 18.66 -6.81
CA LEU B 409 -24.04 19.41 -6.61
C LEU B 409 -25.13 19.05 -7.63
N PRO B 410 -24.77 18.87 -8.92
CA PRO B 410 -25.83 18.43 -9.84
C PRO B 410 -26.55 17.13 -9.43
N SER B 411 -25.79 16.12 -9.02
CA SER B 411 -26.38 14.86 -8.56
C SER B 411 -27.30 15.04 -7.36
N LEU B 412 -26.93 15.95 -6.47
CA LEU B 412 -27.78 16.23 -5.33
C LEU B 412 -29.07 16.92 -5.77
N GLN B 413 -29.00 17.86 -6.71
CA GLN B 413 -30.21 18.58 -7.13
C GLN B 413 -31.10 17.58 -7.87
N ILE B 414 -30.47 16.69 -8.62
CA ILE B 414 -31.21 15.67 -9.36
C ILE B 414 -32.08 14.83 -8.42
N TRP B 415 -31.49 14.35 -7.32
CA TRP B 415 -32.25 13.55 -6.37
C TRP B 415 -33.37 14.34 -5.71
N ALA B 416 -33.13 15.61 -5.44
CA ALA B 416 -34.17 16.45 -4.84
C ALA B 416 -35.34 16.62 -5.82
N GLU B 417 -35.04 16.94 -7.09
CA GLU B 417 -36.10 17.11 -8.07
C GLU B 417 -36.90 15.82 -8.19
N LEU B 418 -36.20 14.67 -8.20
CA LEU B 418 -36.89 13.38 -8.33
C LEU B 418 -37.82 13.12 -7.15
N SER B 419 -37.37 13.46 -5.94
CA SER B 419 -38.24 13.34 -4.77
C SER B 419 -39.48 14.26 -4.85
N TYR B 420 -39.24 15.54 -5.11
CA TYR B 420 -40.30 16.56 -4.99
C TYR B 420 -41.25 16.64 -6.17
N ARG B 421 -40.73 16.33 -7.37
CA ARG B 421 -41.48 16.58 -8.58
C ARG B 421 -41.60 15.32 -9.44
N ASN B 422 -40.78 14.30 -9.16
CA ASN B 422 -40.74 13.05 -9.95
C ASN B 422 -40.32 13.26 -11.41
N ASP B 423 -39.59 14.33 -11.67
CA ASP B 423 -39.05 14.59 -13.01
C ASP B 423 -37.92 15.60 -12.90
N LEU B 424 -37.18 15.77 -13.99
CA LEU B 424 -36.10 16.74 -14.00
C LEU B 424 -36.44 17.94 -14.87
N ASP B 425 -37.73 18.19 -15.09
CA ASP B 425 -38.16 19.25 -16.01
C ASP B 425 -37.81 20.65 -15.52
N GLY B 426 -37.63 20.78 -14.22
CA GLY B 426 -37.22 22.06 -13.63
C GLY B 426 -35.79 22.04 -13.12
N LEU B 427 -35.04 21.00 -13.46
CA LEU B 427 -33.73 20.77 -12.85
C LEU B 427 -32.77 21.97 -13.07
N SER B 428 -32.56 22.34 -14.32
CA SER B 428 -31.56 23.36 -14.60
C SER B 428 -31.94 24.71 -14.00
N ALA B 429 -33.21 25.09 -14.10
CA ALA B 429 -33.65 26.39 -13.60
C ALA B 429 -33.47 26.47 -12.08
N HIS B 430 -33.87 25.42 -11.38
CA HIS B 430 -33.69 25.39 -9.91
C HIS B 430 -32.21 25.38 -9.55
N PHE B 431 -31.45 24.54 -10.24
CA PHE B 431 -30.01 24.48 -10.02
C PHE B 431 -29.33 25.83 -10.16
N LYS B 432 -29.73 26.58 -11.18
CA LYS B 432 -29.10 27.86 -11.46
C LYS B 432 -29.44 28.91 -10.41
N THR B 433 -30.66 28.86 -9.91
CA THR B 433 -31.06 29.69 -8.78
C THR B 433 -30.15 29.43 -7.59
N ASN B 434 -29.83 28.16 -7.37
CA ASN B 434 -29.06 27.76 -6.20
C ASN B 434 -27.57 28.01 -6.32
N THR B 435 -27.05 27.95 -7.54
CA THR B 435 -25.60 27.97 -7.71
C THR B 435 -25.05 29.08 -8.59
N GLY B 436 -25.90 29.70 -9.40
CA GLY B 436 -25.43 30.64 -10.41
C GLY B 436 -25.13 30.00 -11.76
N LEU B 437 -25.09 28.67 -11.81
CA LEU B 437 -24.74 27.98 -13.05
C LEU B 437 -25.87 27.11 -13.57
N THR B 438 -26.03 27.03 -14.89
CA THR B 438 -26.94 26.01 -15.42
C THR B 438 -26.42 24.64 -15.00
N VAL B 439 -27.32 23.66 -14.87
CA VAL B 439 -26.88 22.30 -14.52
C VAL B 439 -26.01 21.68 -15.62
N GLU B 440 -26.30 22.04 -16.88
CA GLU B 440 -25.47 21.57 -18.00
C GLU B 440 -24.03 22.12 -17.92
N ASP B 441 -23.88 23.42 -17.64
CA ASP B 441 -22.54 23.96 -17.44
C ASP B 441 -21.82 23.27 -16.26
N PHE B 442 -22.49 23.16 -15.13
CA PHE B 442 -21.84 22.59 -13.94
C PHE B 442 -21.41 21.15 -14.25
N MET B 443 -22.26 20.41 -14.95
CA MET B 443 -21.96 19.00 -15.25
C MET B 443 -20.79 18.78 -16.20
N GLN B 444 -20.30 19.86 -16.83
CA GLN B 444 -19.05 19.77 -17.56
C GLN B 444 -17.85 19.45 -16.66
N ILE B 445 -18.01 19.66 -15.36
CA ILE B 445 -17.03 19.16 -14.39
C ILE B 445 -16.65 17.68 -14.60
N ASP B 446 -17.55 16.88 -15.17
CA ASP B 446 -17.31 15.45 -15.41
C ASP B 446 -16.32 15.14 -16.56
N LEU B 447 -16.00 16.14 -17.37
CA LEU B 447 -15.41 15.91 -18.71
C LEU B 447 -14.23 14.95 -18.80
N ALA B 448 -13.37 14.95 -17.79
CA ALA B 448 -12.17 14.10 -17.82
C ALA B 448 -12.51 12.60 -17.84
N ASN B 449 -13.75 12.28 -17.48
CA ASN B 449 -14.27 10.90 -17.55
C ASN B 449 -15.10 10.66 -18.81
N LEU B 450 -15.51 11.72 -19.49
CA LEU B 450 -16.52 11.54 -20.55
C LEU B 450 -15.93 11.25 -21.95
N LEU B 451 -15.16 10.18 -22.09
CA LEU B 451 -14.57 9.88 -23.40
C LEU B 451 -15.68 9.53 -24.41
N PRO B 452 -15.55 9.99 -25.67
CA PRO B 452 -16.68 9.96 -26.60
C PRO B 452 -17.24 8.56 -26.92
N ASP B 453 -16.40 7.53 -26.90
CA ASP B 453 -16.90 6.22 -27.32
C ASP B 453 -17.40 5.34 -26.16
N LEU B 454 -17.62 5.96 -25.00
CA LEU B 454 -18.14 5.18 -23.87
C LEU B 454 -19.67 5.02 -23.92
N PRO B 455 -20.16 3.81 -23.63
CA PRO B 455 -21.60 3.65 -23.39
C PRO B 455 -21.88 4.36 -22.08
N GLY B 456 -22.94 5.15 -22.03
CA GLY B 456 -23.22 5.95 -20.84
C GLY B 456 -23.59 5.15 -19.60
N ASN B 457 -23.86 3.86 -19.78
CA ASN B 457 -24.47 3.06 -18.72
C ASN B 457 -23.50 2.14 -17.98
N LEU B 458 -22.19 2.29 -18.24
CA LEU B 458 -21.18 1.46 -17.57
C LEU B 458 -20.46 2.31 -16.55
N SER B 459 -20.35 1.78 -15.33
CA SER B 459 -19.91 2.57 -14.17
C SER B 459 -18.40 2.50 -13.96
N GLY B 460 -17.86 3.53 -13.30
CA GLY B 460 -16.48 3.50 -12.80
C GLY B 460 -15.37 3.69 -13.83
N ILE B 461 -15.73 4.01 -15.08
CA ILE B 461 -14.69 4.26 -16.09
C ILE B 461 -14.06 5.62 -15.82
N ASN B 462 -12.79 5.61 -15.46
CA ASN B 462 -12.22 6.77 -14.75
C ASN B 462 -10.88 7.19 -15.32
N PRO B 463 -10.83 7.46 -16.64
CA PRO B 463 -9.55 7.87 -17.21
C PRO B 463 -8.97 9.13 -16.58
N ASN B 464 -9.80 9.98 -15.96
CA ASN B 464 -9.28 11.16 -15.26
C ASN B 464 -8.14 10.76 -14.35
N ARG B 465 -8.26 9.57 -13.77
CA ARG B 465 -7.36 9.20 -12.68
C ARG B 465 -6.17 8.41 -13.19
N TYR B 466 -6.43 7.36 -13.97
CA TYR B 466 -5.35 6.49 -14.37
C TYR B 466 -4.50 7.09 -15.49
N VAL B 467 -5.05 8.00 -16.30
CA VAL B 467 -4.18 8.69 -17.26
C VAL B 467 -3.20 9.56 -16.45
N PHE B 468 -3.70 10.18 -15.39
CA PHE B 468 -2.88 11.08 -14.59
C PHE B 468 -1.75 10.32 -13.89
N TYR B 469 -2.11 9.27 -13.15
CA TYR B 469 -1.14 8.64 -12.26
C TYR B 469 -0.25 7.58 -12.95
N GLN B 470 -0.58 7.21 -14.18
CA GLN B 470 0.23 6.24 -14.91
C GLN B 470 1.70 6.68 -15.05
N ASP B 471 2.60 5.70 -15.00
CA ASP B 471 4.01 5.95 -15.21
C ASP B 471 4.29 6.40 -16.67
N ILE B 472 5.46 7.01 -16.89
CA ILE B 472 5.91 7.39 -18.25
C ILE B 472 6.66 6.25 -18.94
N LEU B 473 7.73 5.76 -18.29
CA LEU B 473 8.56 4.69 -18.87
C LEU B 473 7.83 3.34 -18.95
N CYS B 474 6.98 3.08 -17.98
CA CYS B 474 6.26 1.80 -17.90
C CYS B 474 4.77 2.08 -17.85
N PRO B 475 4.17 2.42 -19.01
CA PRO B 475 2.80 2.91 -18.99
C PRO B 475 1.82 1.74 -19.06
N ILE B 476 1.47 1.19 -17.90
CA ILE B 476 0.80 -0.11 -17.86
C ILE B 476 -0.68 -0.02 -18.24
N LEU B 477 -1.18 1.19 -18.45
CA LEU B 477 -2.55 1.37 -18.93
C LEU B 477 -2.59 1.79 -20.41
N ASP B 478 -1.47 1.69 -21.11
CA ASP B 478 -1.42 2.28 -22.45
C ASP B 478 -2.39 1.64 -23.43
N GLN B 479 -2.72 0.35 -23.25
CA GLN B 479 -3.66 -0.32 -24.14
C GLN B 479 -5.07 0.24 -24.03
N HIS B 480 -5.33 0.93 -22.93
CA HIS B 480 -6.65 1.51 -22.69
C HIS B 480 -6.80 2.94 -23.20
N MET B 481 -5.76 3.43 -23.87
CA MET B 481 -5.77 4.81 -24.42
C MET B 481 -6.11 4.78 -25.89
N THR B 482 -6.81 5.80 -26.37
CA THR B 482 -7.13 5.96 -27.78
C THR B 482 -6.77 7.39 -28.19
N PRO B 483 -5.47 7.62 -28.46
CA PRO B 483 -4.96 9.00 -28.50
C PRO B 483 -5.69 9.86 -29.53
N GLU B 484 -6.03 9.27 -30.67
CA GLU B 484 -6.68 10.03 -31.74
C GLU B 484 -8.03 10.61 -31.31
N GLN B 485 -8.69 9.93 -30.37
CA GLN B 485 -9.93 10.46 -29.81
C GLN B 485 -9.74 11.19 -28.48
N ASP B 486 -8.84 10.67 -27.63
CA ASP B 486 -8.74 11.14 -26.25
C ASP B 486 -8.02 12.46 -26.15
N LYS B 487 -7.00 12.64 -26.96
CA LYS B 487 -6.22 13.88 -26.96
C LYS B 487 -7.09 15.12 -27.28
N PRO B 488 -7.83 15.11 -28.41
CA PRO B 488 -8.70 16.28 -28.64
C PRO B 488 -9.82 16.41 -27.62
N HIS B 489 -10.32 15.28 -27.12
CA HIS B 489 -11.37 15.34 -26.11
C HIS B 489 -10.87 16.11 -24.88
N PHE B 490 -9.69 15.75 -24.40
CA PHE B 490 -9.11 16.38 -23.20
C PHE B 490 -8.76 17.85 -23.48
N ALA B 491 -8.18 18.11 -24.66
CA ALA B 491 -7.87 19.50 -25.04
C ALA B 491 -9.12 20.39 -25.05
N GLN B 492 -10.17 19.92 -25.72
CA GLN B 492 -11.41 20.67 -25.83
C GLN B 492 -12.03 20.84 -24.44
N ALA B 493 -11.94 19.80 -23.61
CA ALA B 493 -12.44 19.88 -22.23
C ALA B 493 -11.76 21.02 -21.45
N ALA B 494 -10.45 21.14 -21.61
CA ALA B 494 -9.71 22.17 -20.86
C ALA B 494 -10.21 23.59 -21.24
N GLU B 495 -10.46 23.81 -22.52
CA GLU B 495 -10.98 25.09 -23.00
C GLU B 495 -12.38 25.33 -22.50
N THR B 496 -13.23 24.30 -22.61
CA THR B 496 -14.59 24.37 -22.09
C THR B 496 -14.61 24.75 -20.61
N LEU B 497 -13.76 24.11 -19.83
CA LEU B 497 -13.76 24.30 -18.39
C LEU B 497 -13.21 25.66 -17.99
N ALA B 498 -12.23 26.17 -18.76
CA ALA B 498 -11.74 27.52 -18.52
C ALA B 498 -12.86 28.54 -18.67
N ASN B 499 -13.72 28.33 -19.68
CA ASN B 499 -14.88 29.20 -19.91
C ASN B 499 -15.92 29.10 -18.79
N ILE B 500 -16.25 27.88 -18.36
CA ILE B 500 -17.20 27.71 -17.28
C ILE B 500 -16.66 28.29 -15.98
N LYS B 501 -15.34 28.20 -15.78
CA LYS B 501 -14.72 28.79 -14.58
C LYS B 501 -15.10 30.28 -14.43
N GLU B 502 -15.11 30.98 -15.56
CA GLU B 502 -15.47 32.40 -15.62
C GLU B 502 -16.91 32.68 -15.25
N LYS B 503 -17.76 31.64 -15.26
CA LYS B 503 -19.19 31.82 -14.98
C LYS B 503 -19.52 31.35 -13.57
N ALA B 504 -18.54 30.80 -12.86
CA ALA B 504 -18.84 29.88 -11.77
C ALA B 504 -18.85 30.51 -10.38
N GLY B 505 -18.44 31.78 -10.29
CA GLY B 505 -18.37 32.50 -9.00
C GLY B 505 -17.62 31.74 -7.88
N ASN B 506 -18.30 31.51 -6.76
CA ASN B 506 -17.67 30.80 -5.63
C ASN B 506 -17.32 29.34 -5.89
N TYR B 507 -17.80 28.81 -7.03
CA TYR B 507 -17.48 27.46 -7.48
C TYR B 507 -16.37 27.38 -8.53
N ALA B 508 -15.80 28.53 -8.88
CA ALA B 508 -14.78 28.55 -9.94
C ALA B 508 -13.63 27.59 -9.67
N TYR B 509 -13.20 27.52 -8.40
CA TYR B 509 -12.05 26.68 -8.06
C TYR B 509 -12.21 25.26 -8.56
N LEU B 510 -13.44 24.75 -8.59
CA LEU B 510 -13.66 23.36 -9.03
C LEU B 510 -13.30 23.20 -10.49
N PHE B 511 -13.66 24.20 -11.28
CA PHE B 511 -13.52 24.12 -12.73
C PHE B 511 -12.09 24.47 -13.13
N GLU B 512 -11.45 25.34 -12.35
CA GLU B 512 -10.03 25.65 -12.61
C GLU B 512 -9.18 24.39 -12.43
N THR B 513 -9.45 23.64 -11.36
CA THR B 513 -8.76 22.37 -11.13
C THR B 513 -8.95 21.42 -12.33
N GLN B 514 -10.20 21.28 -12.77
CA GLN B 514 -10.52 20.31 -13.81
C GLN B 514 -9.99 20.76 -15.16
N ALA B 515 -9.93 22.07 -15.39
CA ALA B 515 -9.38 22.57 -16.66
C ALA B 515 -7.91 22.16 -16.74
N GLN B 516 -7.18 22.39 -15.66
CA GLN B 516 -5.74 22.06 -15.66
C GLN B 516 -5.51 20.55 -15.78
N LEU B 517 -6.35 19.75 -15.14
CA LEU B 517 -6.23 18.28 -15.27
C LEU B 517 -6.38 17.87 -16.74
N ASN B 518 -7.42 18.38 -17.37
CA ASN B 518 -7.66 18.02 -18.76
C ASN B 518 -6.52 18.47 -19.66
N ALA B 519 -5.95 19.66 -19.40
CA ALA B 519 -4.77 20.13 -20.16
C ALA B 519 -3.65 19.09 -20.06
N ILE B 520 -3.38 18.62 -18.84
CA ILE B 520 -2.33 17.61 -18.62
C ILE B 520 -2.62 16.34 -19.39
N LEU B 521 -3.85 15.84 -19.27
CA LEU B 521 -4.20 14.55 -19.83
C LEU B 521 -4.12 14.56 -21.35
N SER B 522 -4.39 15.73 -21.96
CA SER B 522 -4.32 15.84 -23.43
C SER B 522 -2.95 15.42 -24.00
N SER B 523 -1.86 15.75 -23.30
CA SER B 523 -0.54 15.31 -23.76
C SER B 523 -0.14 14.00 -23.10
N LYS B 524 -0.46 13.85 -21.82
CA LYS B 524 0.04 12.71 -21.07
C LYS B 524 -0.58 11.39 -21.56
N VAL B 525 -1.76 11.46 -22.18
CA VAL B 525 -2.46 10.23 -22.55
C VAL B 525 -1.62 9.36 -23.48
N ASP B 526 -0.77 9.96 -24.29
CA ASP B 526 0.06 9.15 -25.18
C ASP B 526 1.56 9.44 -25.13
N VAL B 527 2.02 10.28 -24.21
CA VAL B 527 3.45 10.58 -24.12
C VAL B 527 4.32 9.31 -23.97
N GLY B 528 3.88 8.35 -23.16
CA GLY B 528 4.60 7.09 -23.01
C GLY B 528 4.66 6.30 -24.31
N ARG B 529 3.56 6.33 -25.05
CA ARG B 529 3.50 5.65 -26.33
C ARG B 529 4.42 6.33 -27.35
N ARG B 530 4.42 7.66 -27.40
CA ARG B 530 5.28 8.41 -28.32
C ARG B 530 6.77 8.24 -28.02
N ILE B 531 7.10 8.04 -26.75
CA ILE B 531 8.45 7.72 -26.36
C ILE B 531 8.87 6.37 -26.93
N ARG B 532 7.98 5.38 -26.81
CA ARG B 532 8.23 4.06 -27.37
C ARG B 532 8.37 4.06 -28.88
N GLN B 533 7.52 4.84 -29.55
CA GLN B 533 7.60 4.96 -31.02
C GLN B 533 8.94 5.55 -31.47
N ALA B 534 9.36 6.65 -30.83
CA ALA B 534 10.62 7.30 -31.17
C ALA B 534 11.82 6.39 -30.91
N TYR B 535 11.79 5.73 -29.73
CA TYR B 535 12.76 4.71 -29.38
C TYR B 535 12.82 3.56 -30.41
N GLN B 536 11.68 3.00 -30.78
CA GLN B 536 11.66 1.90 -31.75
C GLN B 536 12.16 2.34 -33.14
N ALA B 537 11.88 3.60 -33.49
CA ALA B 537 12.27 4.11 -34.81
C ALA B 537 13.68 4.65 -34.78
N ASP B 538 14.29 4.65 -33.58
CA ASP B 538 15.61 5.22 -33.40
C ASP B 538 15.62 6.69 -33.84
N ASP B 539 14.51 7.37 -33.60
CA ASP B 539 14.43 8.81 -33.84
C ASP B 539 14.94 9.56 -32.61
N LYS B 540 16.25 9.76 -32.53
CA LYS B 540 16.86 10.38 -31.37
C LYS B 540 16.50 11.86 -31.16
N GLU B 541 16.27 12.58 -32.27
CA GLU B 541 15.78 13.96 -32.20
C GLU B 541 14.47 14.03 -31.42
N SER B 542 13.52 13.15 -31.73
CA SER B 542 12.23 13.17 -31.03
C SER B 542 12.41 12.81 -29.55
N LEU B 543 13.17 11.76 -29.27
CA LEU B 543 13.45 11.39 -27.87
C LEU B 543 14.04 12.58 -27.11
N GLN B 544 14.93 13.32 -27.77
CA GLN B 544 15.54 14.47 -27.12
C GLN B 544 14.49 15.55 -26.81
N GLN B 545 13.65 15.85 -27.80
CA GLN B 545 12.57 16.85 -27.66
C GLN B 545 11.63 16.46 -26.48
N ILE B 546 11.25 15.18 -26.44
CA ILE B 546 10.38 14.70 -25.36
C ILE B 546 11.08 14.87 -24.03
N ALA B 547 12.33 14.41 -23.93
CA ALA B 547 13.07 14.45 -22.69
C ALA B 547 13.42 15.86 -22.23
N ARG B 548 13.75 16.75 -23.16
CA ARG B 548 14.28 18.04 -22.78
C ARG B 548 13.27 19.17 -22.75
N GLN B 549 12.18 19.01 -23.50
CA GLN B 549 11.15 20.04 -23.57
C GLN B 549 9.81 19.56 -23.04
N GLU B 550 9.29 18.45 -23.59
CA GLU B 550 7.94 18.02 -23.21
C GLU B 550 7.81 17.60 -21.74
N LEU B 551 8.70 16.71 -21.30
CA LEU B 551 8.57 16.18 -19.94
C LEU B 551 8.79 17.23 -18.84
N PRO B 552 9.76 18.16 -19.01
CA PRO B 552 9.87 19.19 -17.98
C PRO B 552 8.63 20.10 -17.95
N GLU B 553 8.01 20.30 -19.10
CA GLU B 553 6.79 21.10 -19.16
C GLU B 553 5.64 20.34 -18.50
N LEU B 554 5.57 19.05 -18.78
CA LEU B 554 4.61 18.19 -18.07
C LEU B 554 4.74 18.30 -16.56
N ARG B 555 5.97 18.27 -16.06
CA ARG B 555 6.18 18.46 -14.62
C ARG B 555 5.69 19.81 -14.11
N SER B 556 6.02 20.87 -14.86
CA SER B 556 5.52 22.20 -14.52
C SER B 556 3.99 22.21 -14.48
N GLN B 557 3.34 21.58 -15.47
CA GLN B 557 1.88 21.54 -15.49
C GLN B 557 1.31 20.77 -14.29
N ILE B 558 1.94 19.64 -13.95
CA ILE B 558 1.51 18.86 -12.80
C ILE B 558 1.72 19.61 -11.48
N GLU B 559 2.83 20.36 -11.36
CA GLU B 559 3.01 21.18 -10.18
C GLU B 559 1.95 22.29 -10.08
N ASP B 560 1.52 22.80 -11.23
CA ASP B 560 0.42 23.78 -11.31
C ASP B 560 -0.89 23.14 -10.84
N PHE B 561 -1.16 21.93 -11.31
CA PHE B 561 -2.34 21.16 -10.91
C PHE B 561 -2.32 20.89 -9.40
N HIS B 562 -1.16 20.48 -8.91
CA HIS B 562 -0.94 20.26 -7.48
C HIS B 562 -1.28 21.49 -6.64
N ALA B 563 -0.84 22.67 -7.09
CA ALA B 563 -1.20 23.94 -6.45
C ALA B 563 -2.71 24.18 -6.41
N LEU B 564 -3.36 24.02 -7.56
CA LEU B 564 -4.80 24.21 -7.69
C LEU B 564 -5.58 23.18 -6.86
N PHE B 565 -5.11 21.94 -6.90
CA PHE B 565 -5.72 20.87 -6.13
C PHE B 565 -5.59 21.20 -4.65
N SER B 566 -4.42 21.65 -4.25
CA SER B 566 -4.19 22.00 -2.85
C SER B 566 -5.09 23.12 -2.38
N HIS B 567 -5.28 24.14 -3.23
CA HIS B 567 -6.17 25.24 -2.88
C HIS B 567 -7.59 24.68 -2.70
N GLN B 568 -8.02 23.87 -3.65
CA GLN B 568 -9.33 23.20 -3.58
C GLN B 568 -9.50 22.37 -2.31
N TRP B 569 -8.50 21.53 -2.00
CA TRP B 569 -8.54 20.67 -0.79
C TRP B 569 -8.65 21.50 0.49
N LEU B 570 -7.79 22.49 0.60
CA LEU B 570 -7.75 23.30 1.83
C LEU B 570 -8.98 24.16 1.96
N LYS B 571 -9.59 24.54 0.84
CA LYS B 571 -10.89 25.21 0.90
C LYS B 571 -11.99 24.33 1.52
N GLU B 572 -12.04 23.07 1.08
CA GLU B 572 -13.15 22.16 1.43
C GLU B 572 -12.92 21.32 2.68
N ASN B 573 -11.66 20.95 2.90
CA ASN B 573 -11.27 19.90 3.86
C ASN B 573 -10.29 20.41 4.93
N LYS B 574 -10.16 19.63 6.01
CA LYS B 574 -9.05 19.80 6.94
C LYS B 574 -7.72 19.48 6.22
N VAL B 575 -6.62 20.01 6.72
CA VAL B 575 -5.31 19.72 6.13
C VAL B 575 -4.91 18.22 6.16
N PHE B 576 -5.29 17.50 7.21
CA PHE B 576 -4.94 16.08 7.33
C PHE B 576 -5.45 15.27 6.15
N GLY B 577 -4.60 14.40 5.59
CA GLY B 577 -4.95 13.62 4.39
C GLY B 577 -4.39 14.20 3.09
N LEU B 578 -4.16 15.50 3.09
CA LEU B 578 -3.53 16.13 1.93
C LEU B 578 -2.16 15.50 1.71
N ASP B 579 -1.54 15.08 2.81
CA ASP B 579 -0.20 14.47 2.74
C ASP B 579 -0.09 13.29 1.78
N THR B 580 -1.13 12.45 1.74
CA THR B 580 -1.15 11.32 0.81
C THR B 580 -1.12 11.78 -0.65
N VAL B 581 -1.83 12.86 -0.97
CA VAL B 581 -1.77 13.41 -2.34
C VAL B 581 -0.39 13.96 -2.63
N ASP B 582 0.22 14.62 -1.63
CA ASP B 582 1.58 15.17 -1.81
C ASP B 582 2.53 14.04 -2.15
N ILE B 583 2.37 12.92 -1.46
CA ILE B 583 3.25 11.77 -1.67
C ILE B 583 3.06 11.17 -3.06
N ARG B 584 1.81 11.01 -3.46
CA ARG B 584 1.49 10.41 -4.75
C ARG B 584 1.95 11.31 -5.89
N MET B 585 1.65 12.60 -5.79
CA MET B 585 2.07 13.53 -6.83
C MET B 585 3.59 13.76 -6.88
N GLY B 586 4.23 13.83 -5.71
CA GLY B 586 5.68 13.94 -5.68
C GLY B 586 6.32 12.71 -6.31
N GLY B 587 5.72 11.54 -6.07
CA GLY B 587 6.19 10.29 -6.69
C GLY B 587 6.07 10.32 -8.21
N LEU B 588 4.92 10.77 -8.72
CA LEU B 588 4.72 10.90 -10.19
C LEU B 588 5.75 11.87 -10.81
N LEU B 589 5.98 13.01 -10.15
CA LEU B 589 6.99 13.95 -10.64
C LEU B 589 8.37 13.32 -10.72
N GLN B 590 8.73 12.54 -9.71
CA GLN B 590 10.04 11.89 -9.68
C GLN B 590 10.17 10.84 -10.77
N ARG B 591 9.07 10.14 -11.05
CA ARG B 591 9.05 9.19 -12.14
C ARG B 591 9.17 9.85 -13.52
N ILE B 592 8.60 11.06 -13.66
CA ILE B 592 8.79 11.80 -14.90
C ILE B 592 10.27 12.21 -15.00
N LYS B 593 10.86 12.68 -13.92
CA LYS B 593 12.32 12.90 -13.87
C LYS B 593 13.16 11.69 -14.29
N ARG B 594 12.74 10.50 -13.87
CA ARG B 594 13.46 9.28 -14.26
C ARG B 594 13.37 9.03 -15.76
N ALA B 595 12.21 9.34 -16.33
CA ALA B 595 12.02 9.18 -17.77
C ALA B 595 13.01 10.10 -18.48
N GLU B 596 13.11 11.35 -18.01
CA GLU B 596 14.07 12.31 -18.57
C GLU B 596 15.51 11.78 -18.49
N SER B 597 15.89 11.30 -17.30
CA SER B 597 17.28 10.92 -17.07
C SER B 597 17.65 9.64 -17.79
N ARG B 598 16.72 8.67 -17.84
CA ARG B 598 16.96 7.42 -18.61
C ARG B 598 17.13 7.68 -20.09
N ILE B 599 16.29 8.54 -20.64
CA ILE B 599 16.48 8.96 -22.03
C ILE B 599 17.84 9.67 -22.23
N GLU B 600 18.21 10.57 -21.32
CA GLU B 600 19.52 11.27 -21.41
C GLU B 600 20.72 10.31 -21.44
N VAL B 601 20.77 9.37 -20.50
CA VAL B 601 21.83 8.38 -20.45
C VAL B 601 21.90 7.54 -21.73
N TYR B 602 20.73 7.17 -22.25
CA TYR B 602 20.68 6.44 -23.52
C TYR B 602 21.21 7.29 -24.67
N LEU B 603 20.70 8.52 -24.78
CA LEU B 603 21.14 9.44 -25.84
C LEU B 603 22.63 9.67 -25.81
N ALA B 604 23.20 9.62 -24.61
CA ALA B 604 24.62 9.86 -24.40
C ALA B 604 25.48 8.63 -24.69
N GLY B 605 24.84 7.52 -25.09
CA GLY B 605 25.55 6.29 -25.42
C GLY B 605 25.94 5.41 -24.24
N GLN B 606 25.50 5.79 -23.04
CA GLN B 606 25.90 5.07 -21.84
C GLN B 606 24.95 3.92 -21.48
N LEU B 607 24.01 3.65 -22.37
CA LEU B 607 23.05 2.58 -22.22
C LEU B 607 22.84 2.03 -23.63
N ASP B 608 22.96 0.72 -23.80
CA ASP B 608 22.70 0.10 -25.10
C ASP B 608 21.21 0.05 -25.42
N ARG B 609 20.40 0.05 -24.37
CA ARG B 609 18.96 -0.13 -24.51
C ARG B 609 18.26 0.45 -23.28
N ILE B 610 17.00 0.83 -23.46
CA ILE B 610 16.19 1.25 -22.34
C ILE B 610 15.21 0.12 -22.05
N ASP B 611 15.58 -0.72 -21.07
CA ASP B 611 14.88 -1.97 -20.80
C ASP B 611 13.36 -1.77 -20.59
N GLU B 612 12.98 -0.68 -19.92
CA GLU B 612 11.57 -0.41 -19.64
C GLU B 612 10.77 -0.41 -20.96
N LEU B 613 11.39 0.15 -22.00
CA LEU B 613 10.71 0.37 -23.28
C LEU B 613 10.66 -0.87 -24.15
N GLU B 614 11.35 -1.94 -23.73
CA GLU B 614 11.36 -3.21 -24.47
C GLU B 614 10.28 -4.21 -23.99
N VAL B 615 9.55 -3.84 -22.93
CA VAL B 615 8.48 -4.67 -22.42
C VAL B 615 7.19 -4.38 -23.20
N GLU B 616 6.60 -5.43 -23.76
CA GLU B 616 5.33 -5.31 -24.44
C GLU B 616 4.18 -5.09 -23.42
N ILE B 617 3.34 -4.10 -23.69
CA ILE B 617 2.27 -3.71 -22.78
C ILE B 617 1.04 -4.59 -23.01
N LEU B 618 0.53 -5.17 -21.93
CA LEU B 618 -0.68 -6.00 -21.98
C LEU B 618 -1.87 -5.19 -21.49
N PRO B 619 -3.10 -5.69 -21.73
CA PRO B 619 -4.26 -5.09 -21.07
C PRO B 619 -4.04 -5.01 -19.55
N PHE B 620 -4.47 -3.92 -18.94
CA PHE B 620 -4.32 -3.75 -17.50
C PHE B 620 -5.31 -4.63 -16.75
N THR B 621 -6.52 -4.69 -17.31
CA THR B 621 -7.62 -5.50 -16.78
C THR B 621 -8.54 -5.95 -17.91
N ASP B 622 -9.23 -7.07 -17.72
CA ASP B 622 -10.26 -7.48 -18.69
C ASP B 622 -11.68 -7.17 -18.21
N PHE B 623 -11.80 -6.31 -17.20
CA PHE B 623 -13.10 -6.03 -16.58
C PHE B 623 -14.09 -5.54 -17.65
N TYR B 624 -13.65 -4.61 -18.49
CA TYR B 624 -14.44 -4.14 -19.62
C TYR B 624 -13.72 -4.40 -20.96
N ALA B 625 -13.04 -5.54 -21.07
CA ALA B 625 -12.39 -5.93 -22.34
C ALA B 625 -13.37 -5.97 -23.52
N LYS B 627 -15.23 -5.30 -25.97
CA LYS B 627 -15.82 -3.97 -25.95
C LYS B 627 -15.36 -3.16 -27.16
N ASP B 628 -16.19 -2.20 -27.58
CA ASP B 628 -15.87 -1.28 -28.69
C ASP B 628 -15.32 0.06 -28.21
N PHE B 629 -14.68 0.02 -27.05
CA PHE B 629 -13.92 1.16 -26.54
C PHE B 629 -12.74 0.57 -25.78
N ALA B 630 -11.76 1.40 -25.48
CA ALA B 630 -10.52 0.90 -24.88
C ALA B 630 -10.39 1.28 -23.40
N ALA B 631 -11.12 2.31 -22.97
CA ALA B 631 -11.06 2.78 -21.59
C ALA B 631 -11.50 1.68 -20.61
N THR B 632 -11.13 1.84 -19.34
CA THR B 632 -11.43 0.83 -18.35
C THR B 632 -11.62 1.47 -16.98
N THR B 633 -11.68 0.64 -15.94
CA THR B 633 -11.77 1.13 -14.57
C THR B 633 -10.49 0.70 -13.84
N ALA B 634 -9.82 1.65 -13.21
CA ALA B 634 -8.61 1.37 -12.47
C ALA B 634 -8.55 2.40 -11.37
N ASN B 635 -8.84 1.99 -10.15
CA ASN B 635 -9.09 2.95 -9.08
C ASN B 635 -8.32 2.68 -7.78
N GLN B 636 -7.15 2.06 -7.91
CA GLN B 636 -6.19 2.01 -6.80
C GLN B 636 -4.90 2.69 -7.23
N TRP B 637 -4.53 3.77 -6.55
CA TRP B 637 -3.34 4.50 -6.92
C TRP B 637 -2.13 3.59 -7.06
N HIS B 638 -1.93 2.67 -6.11
CA HIS B 638 -0.68 1.90 -6.07
C HIS B 638 -0.52 0.95 -7.26
N THR B 639 -1.63 0.51 -7.84
CA THR B 639 -1.57 -0.33 -9.04
C THR B 639 -1.62 0.44 -10.33
N ILE B 640 -2.15 1.66 -10.30
CA ILE B 640 -1.99 2.56 -11.44
C ILE B 640 -0.52 2.92 -11.65
N ALA B 641 0.17 3.26 -10.56
CA ALA B 641 1.48 3.92 -10.61
C ALA B 641 2.66 2.98 -10.89
N THR B 642 2.51 1.69 -10.54
CA THR B 642 3.62 0.74 -10.65
C THR B 642 3.15 -0.70 -10.67
N ALA B 643 3.84 -1.51 -11.47
CA ALA B 643 3.73 -2.97 -11.38
C ALA B 643 4.61 -3.57 -10.28
N SER B 644 5.44 -2.73 -9.63
CA SER B 644 6.31 -3.19 -8.55
C SER B 644 5.53 -3.33 -7.25
N THR B 645 6.14 -3.95 -6.25
CA THR B 645 5.53 -3.96 -4.93
C THR B 645 5.76 -2.61 -4.31
N ILE B 646 4.79 -2.14 -3.56
CA ILE B 646 4.98 -0.89 -2.83
C ILE B 646 4.41 -0.87 -1.41
N TYR B 647 3.39 -1.70 -1.17
CA TYR B 647 2.84 -1.84 0.22
C TYR B 647 3.24 -3.14 0.88
N THR B 648 3.32 -4.19 0.06
CA THR B 648 3.60 -5.52 0.59
C THR B 648 5.04 -5.68 1.13
N THR B 649 5.19 -6.63 2.06
CA THR B 649 6.50 -6.97 2.61
C THR B 649 7.17 -7.99 1.71
#